data_5U8Q
#
_entry.id   5U8Q
#
_cell.length_a   88.690
_cell.length_b   197.660
_cell.length_c   117.650
_cell.angle_alpha   90.000
_cell.angle_beta   90.000
_cell.angle_gamma   90.000
#
_symmetry.space_group_name_H-M   'P 21 21 2'
#
loop_
_entity.id
_entity.type
_entity.pdbx_description
1 polymer 'Insulin-like growth factor 1 receptor'
2 polymer 'Insulin-like growth factor I'
3 polymer 'Fv 24-60 heavy chain'
4 polymer 'Fv 24-60 light chain'
5 branched 2-acetamido-2-deoxy-beta-D-glucopyranose-(1-4)-2-acetamido-2-deoxy-beta-D-glucopyranose
6 branched alpha-D-mannopyranose-(1-4)-alpha-D-mannopyranose-(1-4)-2-acetamido-2-deoxy-beta-D-glucopyranose-(1-4)-2-acetamido-2-deoxy-beta-D-glucopyranose
7 non-polymer 'SULFATE ION'
8 non-polymer D-MALATE
9 non-polymer 2-acetamido-2-deoxy-beta-D-glucopyranose
#
loop_
_entity_poly.entity_id
_entity_poly.type
_entity_poly.pdbx_seq_one_letter_code
_entity_poly.pdbx_strand_id
1 'polypeptide(L)'
;EICGPGIDIRNDYQQLKRLENCTVIEGYLHILLISKAEDYRSYRFPKLTVITEYLLLFRVAGLESLGDLFPNLTVIRGWK
LFYNYALVIFEMTNLKDIGLYNLRNITRGAIRIEKNADLCYLSTVDWSLILDAVSNNYIVGNKPPKECGDLCPGTMEEKP
MCEKTTINNEYNYRCWTTNRCQKMCPSTCGKRACTENNECCHPECLGSCSAPDNDTACVACRHYYYAGVCVPACPPNTYR
FEGWRCVDRDFCANILSAESSDSEGFVIHDGECMQECPSGFIRNGSQSMYCIPCEGPCPKVCEEEKKTKTIDSVTSAQML
QGCTIFKGNLLINIRRGNNIASELENFMGLIEVVTGYVKIRHSHALVSLSFLKNLRLILGEEQLEGNYSFYVLDNQNLQQ
LWDWDHRNLTIKAGKMYFAFNPKLCVSEIYRMEEVTGTKGRQSKGDINTRNNGERASCESDVLHFTSTTTSKNRIIITWH
RYRPPDYRDLISFTVYYKEAPFKNVTEYDGQDACGSNSWNMVDVDLPPNKDVEPGILLHGLKPWTQYAVYVKAVTLTMVE
NDHIRGAKSEILYIRTNASVPSIPLDVLSASNSSSQLIVKWNPPSLPNGNLSYYIVRWQRQPQDGYLYRHNYCSKDKIPI
RKYADGTIDIEEVTENPKTEVCGGEKGPCCACPKTEAEKQAEKEEAEYRKVFENFLHNSIFVPRPERKRRDVMQVANAGN
NETEYPFFESRVDNKERTVISNLRPFTLYRIDIHSCNHEAEKLGCSASNFVFARTMPAEGADDIPGPVTWEPRPENSIFL
KWPEPENPNGLILMYEIKYGSQVEDQRECVSRQEYRKYGGAKLNRLNPGNYTARIQATSLSGNGSWTDPVFFYVQAKTGY
ENFIH
;
A
2 'polypeptide(L)' GPETLCGAELVDALQFVCGDRGFYFNKPTGYGSSSRRAPQTGIVDECCFRSCDLRRLEMYCAPLKPAKSA B
3 'polypeptide(L)'
;GTQVQLQQSGPDVVRPGVSVKISCKGSGYTFTDYAIHWVKQSHAKSLEWIGVISTYNGNTKYNQKFKGKAAITVDKSSST
AYLELARLTSEDSAIYYCASYGDLYVMDYWGQGTSVTVSSENLYFQ
;
H
4 'polypeptide(L)'
;GDIVLTQSPATLSVTPGDSVSLSCRASQTISNNLHWYQQKSHESPRLLIKYASQSISGIPSRFSGSGSGTDFTLSINSVE
TEDFGMYFCQQSNSWPRTFGAGTKLELK
;
L
#
loop_
_chem_comp.id
_chem_comp.type
_chem_comp.name
_chem_comp.formula
MAN D-saccharide, alpha linking alpha-D-mannopyranose 'C6 H12 O6'
MLT non-polymer D-MALATE 'C4 H6 O5'
NAG D-saccharide, beta linking 2-acetamido-2-deoxy-beta-D-glucopyranose 'C8 H15 N O6'
SO4 non-polymer 'SULFATE ION' 'O4 S -2'
#
# COMPACT_ATOMS: atom_id res chain seq x y z
N GLU A 1 -0.97 3.19 34.53
CA GLU A 1 0.15 3.70 33.76
C GLU A 1 0.19 3.08 32.36
N ILE A 2 -0.18 3.85 31.36
CA ILE A 2 -0.17 3.41 29.97
C ILE A 2 1.14 3.86 29.34
N CYS A 3 1.77 2.97 28.57
CA CYS A 3 3.03 3.24 27.91
C CYS A 3 2.89 2.94 26.43
N GLY A 4 3.36 3.87 25.59
CA GLY A 4 3.27 3.71 24.16
C GLY A 4 3.78 4.92 23.41
N PRO A 5 3.42 5.02 22.11
CA PRO A 5 2.60 4.04 21.40
C PRO A 5 3.43 2.90 20.79
N GLY A 6 4.64 2.71 21.31
CA GLY A 6 5.51 1.65 20.83
C GLY A 6 6.83 1.59 21.58
N ILE A 7 7.09 0.46 22.22
CA ILE A 7 8.31 0.27 23.00
C ILE A 7 9.26 -0.61 22.20
N ASP A 8 10.48 -0.11 21.99
CA ASP A 8 11.51 -0.84 21.24
C ASP A 8 12.79 -0.79 22.06
N ILE A 9 13.02 -1.83 22.86
CA ILE A 9 14.21 -1.95 23.70
C ILE A 9 15.21 -2.85 22.99
N ARG A 10 16.45 -2.39 22.87
CA ARG A 10 17.48 -3.17 22.21
C ARG A 10 18.85 -2.76 22.73
N ASN A 11 19.87 -3.50 22.29
CA ASN A 11 21.27 -3.24 22.62
C ASN A 11 21.53 -3.35 24.11
N ASP A 12 21.30 -2.26 24.84
CA ASP A 12 21.60 -2.23 26.27
C ASP A 12 20.67 -3.13 27.05
N TYR A 13 21.24 -4.00 27.89
CA TYR A 13 20.43 -4.79 28.80
C TYR A 13 19.68 -3.90 29.79
N GLN A 14 20.33 -2.82 30.24
CA GLN A 14 19.73 -1.92 31.22
C GLN A 14 18.66 -1.02 30.63
N GLN A 15 18.57 -0.93 29.30
CA GLN A 15 17.49 -0.16 28.68
C GLN A 15 16.12 -0.78 28.92
N LEU A 16 16.07 -2.02 29.37
CA LEU A 16 14.81 -2.68 29.72
C LEU A 16 14.13 -2.02 30.91
N LYS A 17 14.81 -1.11 31.61
CA LYS A 17 14.25 -0.44 32.79
C LYS A 17 13.06 0.45 32.46
N ARG A 18 12.81 0.73 31.18
CA ARG A 18 11.69 1.58 30.80
C ARG A 18 10.32 0.97 31.11
N LEU A 19 10.28 -0.29 31.54
CA LEU A 19 9.03 -0.96 31.87
C LEU A 19 8.79 -1.03 33.37
N GLU A 20 9.45 -0.16 34.15
CA GLU A 20 9.36 -0.23 35.60
C GLU A 20 7.98 0.18 36.12
N ASN A 21 7.30 1.08 35.39
CA ASN A 21 6.00 1.57 35.83
C ASN A 21 4.86 1.10 34.95
N CYS A 22 5.14 0.57 33.77
CA CYS A 22 4.09 0.25 32.80
C CYS A 22 3.28 -0.96 33.25
N THR A 23 1.97 -0.77 33.39
CA THR A 23 1.05 -1.89 33.57
C THR A 23 0.35 -2.29 32.28
N VAL A 24 0.19 -1.36 31.34
CA VAL A 24 -0.35 -1.63 30.02
C VAL A 24 0.60 -1.02 28.99
N ILE A 25 0.91 -1.77 27.95
CA ILE A 25 1.77 -1.30 26.87
C ILE A 25 0.89 -1.06 25.65
N GLU A 26 0.65 0.21 25.34
CA GLU A 26 -0.14 0.59 24.18
C GLU A 26 0.74 0.48 22.94
N GLY A 27 0.48 -0.52 22.10
CA GLY A 27 1.29 -0.79 20.94
C GLY A 27 2.10 -2.06 21.09
N TYR A 28 3.12 -2.18 20.24
CA TYR A 28 3.96 -3.36 20.23
C TYR A 28 5.04 -3.26 21.31
N LEU A 29 5.82 -4.33 21.45
CA LEU A 29 6.94 -4.38 22.38
C LEU A 29 8.07 -5.16 21.75
N HIS A 30 9.26 -4.57 21.69
CA HIS A 30 10.42 -5.18 21.08
C HIS A 30 11.55 -5.30 22.10
N ILE A 31 12.01 -6.52 22.33
CA ILE A 31 13.18 -6.78 23.18
C ILE A 31 14.16 -7.53 22.30
N LEU A 32 15.06 -6.79 21.64
CA LEU A 32 15.90 -7.31 20.57
C LEU A 32 17.36 -7.16 20.93
N LEU A 33 18.16 -8.14 20.50
CA LEU A 33 19.63 -8.06 20.52
C LEU A 33 20.15 -7.65 21.90
N ILE A 34 19.58 -8.26 22.94
CA ILE A 34 19.93 -7.94 24.32
C ILE A 34 20.99 -8.92 24.79
N SER A 35 22.04 -8.41 25.43
CA SER A 35 23.11 -9.25 25.95
C SER A 35 23.30 -9.04 27.45
N ARG A 41 21.46 -9.95 34.22
CA ARG A 41 21.01 -9.82 35.60
C ARG A 41 19.52 -10.07 35.72
N SER A 42 18.95 -9.74 36.87
CA SER A 42 17.56 -10.04 37.19
C SER A 42 16.73 -8.76 37.15
N TYR A 43 15.78 -8.71 36.22
CA TYR A 43 14.82 -7.62 36.12
C TYR A 43 13.42 -8.23 36.15
N ARG A 44 12.60 -7.76 37.09
CA ARG A 44 11.24 -8.26 37.25
C ARG A 44 10.25 -7.11 37.06
N PHE A 45 9.20 -7.37 36.28
CA PHE A 45 8.16 -6.38 35.99
C PHE A 45 6.80 -7.01 36.23
N PRO A 46 6.38 -7.13 37.50
CA PRO A 46 5.03 -7.64 37.78
C PRO A 46 3.93 -6.66 37.46
N LYS A 47 4.27 -5.41 37.10
CA LYS A 47 3.26 -4.42 36.80
C LYS A 47 2.56 -4.73 35.49
N LEU A 48 3.33 -5.15 34.48
CA LEU A 48 2.78 -5.36 33.15
C LEU A 48 1.81 -6.53 33.15
N THR A 49 0.63 -6.31 32.59
CA THR A 49 -0.39 -7.34 32.40
C THR A 49 -0.99 -7.41 31.00
N VAL A 50 -1.08 -6.32 30.24
CA VAL A 50 -1.75 -6.30 28.95
C VAL A 50 -0.77 -5.71 27.92
N ILE A 51 -0.79 -6.26 26.71
CA ILE A 51 -0.06 -5.70 25.58
C ILE A 51 -1.05 -5.63 24.42
N THR A 52 -1.27 -4.42 23.90
CA THR A 52 -2.34 -4.22 22.93
C THR A 52 -2.02 -4.87 21.59
N GLU A 53 -0.84 -4.58 21.05
CA GLU A 53 -0.44 -5.17 19.77
C GLU A 53 0.31 -6.48 20.01
N TYR A 54 1.44 -6.66 19.32
CA TYR A 54 2.20 -7.89 19.40
C TYR A 54 3.40 -7.75 20.33
N LEU A 55 4.03 -8.88 20.62
CA LEU A 55 5.24 -8.95 21.44
C LEU A 55 6.30 -9.71 20.66
N LEU A 56 7.48 -9.09 20.53
CA LEU A 56 8.57 -9.66 19.74
C LEU A 56 9.81 -9.80 20.61
N LEU A 57 10.42 -10.98 20.58
CA LEU A 57 11.66 -11.28 21.26
C LEU A 57 12.63 -11.89 20.27
N PHE A 58 13.88 -11.42 20.28
CA PHE A 58 14.84 -11.83 19.26
C PHE A 58 16.25 -11.66 19.80
N ARG A 59 16.97 -12.78 19.93
CA ARG A 59 18.38 -12.81 20.30
C ARG A 59 18.65 -12.04 21.60
N VAL A 60 18.02 -12.52 22.66
CA VAL A 60 18.23 -12.00 24.00
C VAL A 60 19.06 -13.03 24.76
N ALA A 61 20.32 -12.69 25.01
CA ALA A 61 21.24 -13.59 25.71
C ALA A 61 21.12 -13.39 27.22
N GLY A 62 21.17 -14.49 27.96
CA GLY A 62 21.09 -14.49 29.40
C GLY A 62 19.71 -14.80 29.94
N LEU A 63 18.66 -14.46 29.20
CA LEU A 63 17.31 -14.72 29.67
C LEU A 63 16.99 -16.21 29.56
N GLU A 64 16.55 -16.79 30.67
CA GLU A 64 16.22 -18.22 30.72
C GLU A 64 14.75 -18.52 30.64
N SER A 65 13.88 -17.59 31.05
CA SER A 65 12.45 -17.80 31.03
C SER A 65 11.75 -16.45 30.95
N LEU A 66 10.57 -16.44 30.30
CA LEU A 66 9.80 -15.21 30.18
C LEU A 66 9.15 -14.81 31.49
N GLY A 67 8.97 -15.75 32.42
CA GLY A 67 8.43 -15.41 33.73
C GLY A 67 9.38 -14.57 34.56
N ASP A 68 10.66 -14.54 34.20
CA ASP A 68 11.61 -13.69 34.92
C ASP A 68 11.30 -12.22 34.71
N LEU A 69 10.75 -11.86 33.54
CA LEU A 69 10.47 -10.47 33.20
C LEU A 69 9.02 -10.10 33.43
N PHE A 70 8.08 -10.78 32.76
CA PHE A 70 6.66 -10.47 32.81
C PHE A 70 5.91 -11.66 33.38
N PRO A 71 5.82 -11.78 34.70
CA PRO A 71 5.10 -12.90 35.30
C PRO A 71 3.59 -12.72 35.26
N ASN A 72 3.14 -11.46 35.25
CA ASN A 72 1.72 -11.14 35.31
C ASN A 72 1.12 -10.84 33.94
N LEU A 73 1.88 -11.05 32.86
CA LEU A 73 1.35 -10.83 31.52
C LEU A 73 0.20 -11.78 31.24
N THR A 74 -0.99 -11.22 31.04
CA THR A 74 -2.21 -12.01 30.93
C THR A 74 -2.81 -12.02 29.54
N VAL A 75 -2.92 -10.86 28.89
CA VAL A 75 -3.60 -10.74 27.61
C VAL A 75 -2.69 -10.03 26.62
N ILE A 76 -2.48 -10.64 25.46
CA ILE A 76 -1.85 -10.00 24.31
C ILE A 76 -2.95 -9.81 23.28
N ARG A 77 -3.50 -8.60 23.20
CA ARG A 77 -4.67 -8.37 22.36
C ARG A 77 -4.33 -8.47 20.88
N GLY A 78 -3.10 -8.14 20.49
CA GLY A 78 -2.70 -8.24 19.10
C GLY A 78 -3.55 -7.40 18.17
N TRP A 79 -3.84 -6.14 18.55
CA TRP A 79 -4.65 -5.28 17.70
C TRP A 79 -3.99 -5.08 16.34
N LYS A 80 -2.67 -4.91 16.33
CA LYS A 80 -1.88 -4.88 15.10
C LYS A 80 -0.81 -5.96 15.20
N LEU A 81 -0.66 -6.74 14.14
CA LEU A 81 0.15 -7.94 14.15
C LEU A 81 1.46 -7.73 13.40
N PHE A 82 2.47 -8.50 13.80
CA PHE A 82 3.77 -8.53 13.12
C PHE A 82 3.77 -9.75 12.20
N TYR A 83 3.44 -9.51 10.92
CA TYR A 83 3.35 -10.56 9.91
C TYR A 83 2.34 -11.63 10.33
N ASN A 84 1.17 -11.17 10.77
CA ASN A 84 0.07 -12.02 11.22
C ASN A 84 0.41 -12.83 12.46
N TYR A 85 1.39 -12.38 13.25
CA TYR A 85 1.77 -13.03 14.49
C TYR A 85 1.61 -12.07 15.65
N ALA A 86 1.06 -12.58 16.76
CA ALA A 86 0.89 -11.79 17.97
C ALA A 86 2.01 -12.00 18.98
N LEU A 87 2.85 -13.02 18.79
CA LEU A 87 3.98 -13.28 19.67
C LEU A 87 5.04 -14.01 18.88
N VAL A 88 6.25 -13.44 18.84
CA VAL A 88 7.36 -14.01 18.08
C VAL A 88 8.53 -14.20 19.03
N ILE A 89 8.92 -15.46 19.23
CA ILE A 89 10.09 -15.82 20.03
C ILE A 89 11.07 -16.50 19.07
N PHE A 90 12.04 -15.75 18.58
CA PHE A 90 12.91 -16.19 17.49
C PHE A 90 14.36 -16.01 17.87
N GLU A 91 15.14 -17.09 17.72
CA GLU A 91 16.59 -17.08 17.98
C GLU A 91 16.91 -16.63 19.39
N MET A 92 16.09 -17.06 20.35
CA MET A 92 16.31 -16.73 21.76
C MET A 92 17.24 -17.78 22.36
N THR A 93 18.50 -17.39 22.59
CA THR A 93 19.45 -18.29 23.21
C THR A 93 19.28 -18.28 24.73
N ASN A 94 19.72 -19.38 25.36
CA ASN A 94 19.66 -19.56 26.81
C ASN A 94 18.23 -19.61 27.34
N LEU A 95 17.25 -19.37 26.48
CA LEU A 95 15.85 -19.41 26.89
C LEU A 95 15.39 -20.85 27.03
N LYS A 96 14.79 -21.18 28.17
CA LYS A 96 14.42 -22.55 28.49
C LYS A 96 12.93 -22.83 28.43
N ASP A 97 12.09 -21.84 28.74
CA ASP A 97 10.64 -22.05 28.71
C ASP A 97 9.95 -20.70 28.58
N ILE A 98 8.71 -20.75 28.09
CA ILE A 98 7.85 -19.58 28.04
C ILE A 98 7.20 -19.46 29.43
N GLY A 99 7.79 -18.64 30.29
CA GLY A 99 7.35 -18.55 31.68
C GLY A 99 6.15 -17.67 31.90
N LEU A 100 5.38 -17.40 30.85
CA LEU A 100 4.16 -16.60 30.96
C LEU A 100 3.03 -17.47 31.51
N TYR A 101 3.15 -17.80 32.80
CA TYR A 101 2.18 -18.67 33.45
C TYR A 101 0.87 -17.97 33.78
N ASN A 102 0.78 -16.65 33.58
CA ASN A 102 -0.46 -15.93 33.75
C ASN A 102 -1.13 -15.56 32.42
N LEU A 103 -0.51 -15.93 31.29
CA LEU A 103 -1.11 -15.66 29.99
C LEU A 103 -2.40 -16.45 29.83
N ARG A 104 -3.49 -15.75 29.50
CA ARG A 104 -4.80 -16.35 29.43
C ARG A 104 -5.43 -16.27 28.04
N ASN A 105 -5.41 -15.10 27.42
CA ASN A 105 -6.11 -14.89 26.16
C ASN A 105 -5.23 -14.09 25.21
N ILE A 106 -5.03 -14.63 24.01
CA ILE A 106 -4.44 -13.89 22.89
C ILE A 106 -5.54 -13.68 21.87
N THR A 107 -5.89 -12.42 21.63
CA THR A 107 -7.16 -12.10 20.99
C THR A 107 -7.14 -12.35 19.49
N ARG A 108 -6.05 -12.01 18.80
CA ARG A 108 -6.09 -12.00 17.34
C ARG A 108 -5.12 -12.98 16.70
N GLY A 109 -3.86 -12.57 16.54
CA GLY A 109 -2.92 -13.27 15.68
C GLY A 109 -2.49 -14.62 16.22
N ALA A 110 -1.55 -15.22 15.48
CA ALA A 110 -1.00 -16.52 15.79
C ALA A 110 0.36 -16.35 16.47
N ILE A 111 1.05 -17.46 16.69
CA ILE A 111 2.33 -17.49 17.39
C ILE A 111 3.38 -18.11 16.48
N ARG A 112 4.60 -17.59 16.54
CA ARG A 112 5.73 -18.15 15.80
C ARG A 112 6.91 -18.26 16.77
N ILE A 113 7.18 -19.49 17.23
CA ILE A 113 8.29 -19.78 18.12
C ILE A 113 9.29 -20.61 17.32
N GLU A 114 10.48 -20.05 17.09
CA GLU A 114 11.42 -20.65 16.15
C GLU A 114 12.85 -20.48 16.62
N LYS A 115 13.67 -21.50 16.36
CA LYS A 115 15.12 -21.46 16.56
C LYS A 115 15.49 -21.13 18.00
N ASN A 116 14.98 -21.94 18.92
CA ASN A 116 15.30 -21.84 20.35
C ASN A 116 15.80 -23.22 20.78
N ALA A 117 17.12 -23.43 20.68
CA ALA A 117 17.71 -24.75 20.88
C ALA A 117 17.59 -25.26 22.31
N ASP A 118 17.23 -24.40 23.27
CA ASP A 118 17.13 -24.80 24.67
C ASP A 118 15.73 -24.64 25.22
N LEU A 119 14.73 -24.38 24.37
CA LEU A 119 13.38 -24.09 24.82
C LEU A 119 12.60 -25.39 25.00
N CYS A 120 12.07 -25.60 26.20
CA CYS A 120 11.24 -26.74 26.53
C CYS A 120 9.80 -26.27 26.76
N TYR A 121 8.96 -27.19 27.25
CA TYR A 121 7.58 -26.89 27.65
C TYR A 121 6.78 -26.27 26.50
N LEU A 122 6.99 -26.80 25.30
CA LEU A 122 6.22 -26.35 24.14
C LEU A 122 4.92 -27.13 24.00
N SER A 123 5.00 -28.46 24.06
CA SER A 123 3.81 -29.30 23.99
C SER A 123 3.04 -29.33 25.30
N THR A 124 3.62 -28.86 26.39
CA THR A 124 2.93 -28.81 27.68
C THR A 124 1.95 -27.65 27.79
N VAL A 125 1.86 -26.81 26.75
CA VAL A 125 0.98 -25.65 26.77
C VAL A 125 -0.15 -25.90 25.78
N ASP A 126 -1.38 -25.84 26.28
CA ASP A 126 -2.57 -26.01 25.43
C ASP A 126 -2.93 -24.64 24.87
N TRP A 127 -2.36 -24.34 23.69
CA TRP A 127 -2.61 -23.06 23.05
C TRP A 127 -4.04 -22.94 22.49
N SER A 128 -4.83 -24.02 22.54
CA SER A 128 -6.20 -23.96 22.05
C SER A 128 -7.14 -23.20 22.99
N LEU A 129 -6.76 -23.04 24.25
CA LEU A 129 -7.56 -22.28 25.21
C LEU A 129 -6.98 -20.91 25.51
N ILE A 130 -5.84 -20.58 24.92
CA ILE A 130 -5.22 -19.27 25.06
C ILE A 130 -5.45 -18.39 23.84
N LEU A 131 -5.45 -18.98 22.64
CA LEU A 131 -5.72 -18.27 21.40
C LEU A 131 -6.75 -19.06 20.60
N ASP A 132 -7.12 -18.53 19.43
CA ASP A 132 -8.16 -19.13 18.59
C ASP A 132 -7.60 -19.79 17.34
N ALA A 133 -6.77 -19.08 16.58
CA ALA A 133 -6.22 -19.60 15.33
C ALA A 133 -4.99 -20.46 15.62
N VAL A 134 -5.26 -21.63 16.23
CA VAL A 134 -4.19 -22.56 16.55
C VAL A 134 -3.65 -23.26 15.30
N SER A 135 -4.44 -23.28 14.22
CA SER A 135 -4.00 -23.95 13.00
C SER A 135 -2.88 -23.19 12.31
N ASN A 136 -2.86 -21.87 12.43
CA ASN A 136 -1.88 -21.02 11.75
C ASN A 136 -0.67 -20.71 12.61
N ASN A 137 -0.44 -21.48 13.68
CA ASN A 137 0.75 -21.29 14.50
C ASN A 137 1.97 -21.89 13.81
N TYR A 138 3.15 -21.56 14.34
CA TYR A 138 4.40 -21.99 13.74
C TYR A 138 5.41 -22.23 14.87
N ILE A 139 5.59 -23.48 15.24
CA ILE A 139 6.53 -23.87 16.30
C ILE A 139 7.47 -24.89 15.67
N VAL A 140 8.57 -24.40 15.08
CA VAL A 140 9.55 -25.24 14.41
C VAL A 140 10.95 -24.78 14.82
N GLY A 141 11.87 -25.73 14.89
CA GLY A 141 13.27 -25.42 15.11
C GLY A 141 13.68 -25.24 16.55
N ASN A 142 12.81 -25.54 17.51
CA ASN A 142 13.14 -25.42 18.91
C ASN A 142 13.83 -26.69 19.39
N LYS A 143 14.00 -26.83 20.70
CA LYS A 143 14.54 -28.05 21.27
C LYS A 143 13.53 -29.17 21.07
N PRO A 144 13.91 -30.29 20.45
CA PRO A 144 12.93 -31.35 20.16
C PRO A 144 12.35 -31.91 21.44
N PRO A 145 11.01 -32.10 21.48
CA PRO A 145 10.40 -32.65 22.70
C PRO A 145 10.94 -34.02 23.08
N LYS A 146 11.41 -34.80 22.11
CA LYS A 146 12.04 -36.08 22.40
C LYS A 146 13.38 -35.92 23.11
N GLU A 147 14.03 -34.77 22.96
CA GLU A 147 15.33 -34.50 23.56
C GLU A 147 15.27 -33.33 24.53
N CYS A 148 14.19 -33.25 25.31
CA CYS A 148 14.08 -32.21 26.33
C CYS A 148 13.86 -32.82 27.71
N GLY A 149 12.61 -33.14 28.03
CA GLY A 149 12.25 -33.60 29.36
C GLY A 149 11.14 -32.77 29.95
N ASP A 150 9.98 -32.77 29.29
CA ASP A 150 8.83 -31.96 29.71
C ASP A 150 8.22 -32.58 30.96
N LEU A 151 8.58 -32.06 32.12
CA LEU A 151 8.11 -32.57 33.40
C LEU A 151 7.36 -31.49 34.16
N CYS A 152 6.24 -31.87 34.73
CA CYS A 152 5.47 -31.04 35.65
C CYS A 152 5.94 -31.28 37.08
N PRO A 153 5.66 -30.33 38.01
CA PRO A 153 6.06 -30.52 39.41
C PRO A 153 5.46 -31.77 40.04
N CYS A 162 -1.28 -31.24 38.49
CA CYS A 162 -2.39 -30.35 38.17
C CYS A 162 -3.30 -30.96 37.11
N GLU A 163 -3.98 -30.10 36.34
CA GLU A 163 -5.00 -30.56 35.41
C GLU A 163 -4.38 -31.00 34.09
N LYS A 164 -5.23 -31.49 33.20
CA LYS A 164 -4.82 -31.98 31.89
C LYS A 164 -6.05 -32.08 31.00
N THR A 165 -5.82 -32.16 29.70
CA THR A 165 -6.89 -32.33 28.72
C THR A 165 -6.30 -32.93 27.45
N THR A 166 -7.10 -32.94 26.38
CA THR A 166 -6.70 -33.54 25.12
C THR A 166 -5.92 -32.53 24.29
N ILE A 167 -4.68 -32.86 23.96
CA ILE A 167 -3.86 -32.07 23.05
C ILE A 167 -3.64 -32.91 21.80
N ASN A 168 -4.14 -32.43 20.67
CA ASN A 168 -4.14 -33.15 19.39
C ASN A 168 -4.91 -34.45 19.61
N ASN A 169 -4.28 -35.63 19.50
CA ASN A 169 -4.94 -36.89 19.80
C ASN A 169 -4.52 -37.47 21.14
N GLU A 170 -3.63 -36.79 21.86
CA GLU A 170 -3.10 -37.26 23.13
C GLU A 170 -3.75 -36.52 24.29
N TYR A 171 -3.66 -37.14 25.48
CA TYR A 171 -4.11 -36.52 26.71
C TYR A 171 -2.94 -36.55 27.70
N ASN A 172 -2.47 -35.38 28.11
CA ASN A 172 -1.31 -35.29 28.98
C ASN A 172 -1.39 -34.01 29.79
N TYR A 173 -0.53 -33.91 30.80
CA TYR A 173 -0.55 -32.79 31.72
C TYR A 173 -0.18 -31.49 31.00
N ARG A 174 -0.52 -30.37 31.64
CA ARG A 174 -0.32 -29.04 31.07
C ARG A 174 0.36 -28.15 32.10
N CYS A 175 1.58 -27.71 31.78
CA CYS A 175 2.35 -26.85 32.68
C CYS A 175 3.13 -25.83 31.86
N TRP A 176 3.28 -24.63 32.42
CA TRP A 176 4.08 -23.59 31.77
C TRP A 176 5.57 -23.79 32.04
N THR A 177 5.94 -23.91 33.31
CA THR A 177 7.33 -24.13 33.69
C THR A 177 7.45 -25.31 34.65
N THR A 178 8.61 -25.46 35.28
CA THR A 178 8.84 -26.57 36.20
C THR A 178 8.30 -26.31 37.59
N ASN A 179 7.68 -25.16 37.83
CA ASN A 179 7.16 -24.82 39.16
C ASN A 179 5.70 -24.40 39.09
N ARG A 180 5.29 -23.81 37.98
CA ARG A 180 3.92 -23.33 37.79
C ARG A 180 3.22 -24.16 36.71
N CYS A 181 1.95 -24.46 36.95
CA CYS A 181 1.13 -25.18 35.99
C CYS A 181 0.42 -24.19 35.07
N GLN A 182 -0.35 -24.73 34.12
CA GLN A 182 -1.18 -23.91 33.23
C GLN A 182 -2.55 -23.77 33.89
N LYS A 183 -2.90 -22.54 34.25
CA LYS A 183 -4.13 -22.30 35.00
C LYS A 183 -5.33 -22.31 34.06
N MET A 184 -6.43 -22.89 34.52
CA MET A 184 -7.63 -23.04 33.70
C MET A 184 -8.85 -22.75 34.55
N CYS A 185 -9.95 -22.34 33.87
CA CYS A 185 -11.23 -22.05 34.48
C CYS A 185 -12.13 -23.28 34.45
N PRO A 186 -13.03 -23.42 35.42
CA PRO A 186 -13.93 -24.58 35.45
C PRO A 186 -14.93 -24.53 34.30
N SER A 187 -15.62 -25.66 34.09
CA SER A 187 -16.60 -25.76 33.03
C SER A 187 -17.88 -24.98 33.33
N THR A 188 -18.06 -24.51 34.56
CA THR A 188 -19.28 -23.78 34.90
C THR A 188 -19.29 -22.37 34.32
N CYS A 189 -18.12 -21.75 34.19
CA CYS A 189 -18.05 -20.39 33.68
C CYS A 189 -18.31 -20.35 32.17
N ALA A 193 -13.33 -17.18 32.04
CA ALA A 193 -13.28 -15.98 32.87
C ALA A 193 -13.51 -16.33 34.34
N CYS A 194 -12.43 -16.60 35.05
CA CYS A 194 -12.50 -16.99 36.46
C CYS A 194 -11.39 -16.31 37.23
N THR A 195 -11.50 -16.36 38.56
CA THR A 195 -10.48 -15.78 39.42
C THR A 195 -9.35 -16.77 39.66
N GLU A 196 -8.61 -16.61 40.75
CA GLU A 196 -7.48 -17.49 41.03
C GLU A 196 -7.96 -18.91 41.34
N ASN A 197 -9.07 -19.06 42.07
CA ASN A 197 -9.54 -20.38 42.49
C ASN A 197 -11.06 -20.45 42.44
N ASN A 198 -11.60 -20.79 41.26
CA ASN A 198 -12.96 -21.27 41.09
C ASN A 198 -14.00 -20.24 41.55
N GLU A 199 -14.09 -19.17 40.77
CA GLU A 199 -15.18 -18.21 40.87
C GLU A 199 -15.21 -17.40 39.58
N CYS A 200 -16.31 -17.48 38.84
CA CYS A 200 -16.36 -16.93 37.49
C CYS A 200 -16.29 -15.40 37.52
N CYS A 201 -15.58 -14.84 36.54
CA CYS A 201 -15.42 -13.41 36.41
C CYS A 201 -16.68 -12.77 35.83
N HIS A 202 -16.59 -11.46 35.59
CA HIS A 202 -17.66 -10.76 34.89
C HIS A 202 -17.65 -11.14 33.41
N PRO A 203 -18.81 -11.13 32.74
CA PRO A 203 -18.81 -11.41 31.30
C PRO A 203 -17.94 -10.47 30.49
N GLU A 204 -17.90 -9.18 30.85
CA GLU A 204 -17.05 -8.22 30.17
C GLU A 204 -15.59 -8.26 30.65
N CYS A 205 -15.25 -9.20 31.51
CA CYS A 205 -13.89 -9.34 32.01
C CYS A 205 -13.08 -10.25 31.11
N LEU A 206 -11.78 -10.34 31.39
CA LEU A 206 -10.89 -11.17 30.58
C LEU A 206 -9.63 -11.47 31.38
N GLY A 207 -9.27 -12.75 31.43
CA GLY A 207 -8.04 -13.16 32.12
C GLY A 207 -8.31 -13.57 33.56
N SER A 208 -7.81 -12.77 34.50
CA SER A 208 -7.97 -13.02 35.92
C SER A 208 -8.92 -11.99 36.54
N CYS A 209 -9.08 -12.06 37.85
CA CYS A 209 -9.98 -11.15 38.56
C CYS A 209 -9.43 -10.85 39.94
N SER A 210 -9.26 -9.56 40.25
CA SER A 210 -8.95 -9.16 41.62
C SER A 210 -10.13 -9.45 42.54
N ALA A 211 -11.35 -9.41 42.02
CA ALA A 211 -12.56 -9.76 42.73
C ALA A 211 -13.53 -10.37 41.73
N PRO A 212 -14.37 -11.30 42.15
CA PRO A 212 -15.24 -12.00 41.19
C PRO A 212 -16.34 -11.09 40.66
N ASP A 213 -16.61 -11.25 39.36
CA ASP A 213 -17.70 -10.60 38.63
C ASP A 213 -17.90 -9.13 39.03
N ASN A 214 -16.82 -8.37 38.90
CA ASN A 214 -16.88 -6.93 39.11
C ASN A 214 -16.18 -6.22 37.96
N ASP A 215 -16.74 -5.08 37.56
CA ASP A 215 -16.17 -4.33 36.44
C ASP A 215 -14.86 -3.66 36.84
N THR A 216 -14.79 -3.11 38.05
CA THR A 216 -13.61 -2.40 38.52
C THR A 216 -12.54 -3.32 39.10
N ALA A 217 -12.70 -4.63 38.96
CA ALA A 217 -11.73 -5.59 39.49
C ALA A 217 -11.36 -6.60 38.40
N CYS A 218 -10.86 -6.07 37.29
CA CYS A 218 -10.49 -6.90 36.14
C CYS A 218 -9.06 -6.58 35.72
N VAL A 219 -8.25 -7.62 35.55
CA VAL A 219 -6.88 -7.43 35.10
C VAL A 219 -6.85 -6.92 33.67
N ALA A 220 -7.79 -7.38 32.84
CA ALA A 220 -7.89 -6.93 31.46
C ALA A 220 -9.35 -6.99 31.03
N CYS A 221 -9.80 -5.95 30.35
CA CYS A 221 -11.17 -5.87 29.87
C CYS A 221 -11.27 -6.44 28.46
N ARG A 222 -12.30 -7.25 28.23
CA ARG A 222 -12.66 -7.56 26.86
C ARG A 222 -13.49 -6.41 26.28
N HIS A 223 -13.55 -6.36 24.95
CA HIS A 223 -14.14 -5.23 24.24
C HIS A 223 -13.40 -3.94 24.59
N TYR A 224 -14.01 -3.07 25.40
CA TYR A 224 -13.45 -1.75 25.65
C TYR A 224 -13.46 -1.44 27.14
N TYR A 225 -12.71 -0.38 27.49
CA TYR A 225 -12.40 -0.03 28.87
C TYR A 225 -12.46 1.48 29.03
N TYR A 226 -13.06 1.93 30.14
CA TYR A 226 -13.22 3.36 30.38
C TYR A 226 -13.49 3.59 31.85
N ALA A 227 -12.69 4.45 32.48
CA ALA A 227 -12.88 4.88 33.88
C ALA A 227 -12.92 3.68 34.83
N GLY A 228 -12.05 2.71 34.60
CA GLY A 228 -11.99 1.53 35.43
C GLY A 228 -13.09 0.53 35.23
N VAL A 229 -13.86 0.64 34.15
CA VAL A 229 -15.00 -0.22 33.90
C VAL A 229 -14.82 -0.92 32.55
N CYS A 230 -15.13 -2.21 32.52
CA CYS A 230 -15.12 -2.98 31.27
C CYS A 230 -16.46 -2.77 30.59
N VAL A 231 -16.50 -1.84 29.63
CA VAL A 231 -17.75 -1.49 28.95
C VAL A 231 -17.79 -2.18 27.59
N PRO A 232 -18.95 -2.66 27.13
CA PRO A 232 -19.01 -3.26 25.79
C PRO A 232 -18.74 -2.24 24.70
N ALA A 233 -19.55 -1.20 24.63
CA ALA A 233 -19.36 -0.08 23.71
C ALA A 233 -19.05 1.19 24.50
N CYS A 234 -18.31 2.09 23.87
CA CYS A 234 -17.87 3.30 24.56
C CYS A 234 -19.07 4.13 24.97
N PRO A 235 -18.97 4.85 26.09
CA PRO A 235 -20.02 5.80 26.48
C PRO A 235 -20.30 6.80 25.37
N PRO A 236 -21.44 7.51 25.44
CA PRO A 236 -21.85 8.34 24.29
C PRO A 236 -20.84 9.39 23.88
N ASN A 237 -20.21 10.09 24.82
CA ASN A 237 -19.28 11.16 24.50
C ASN A 237 -17.83 10.68 24.46
N THR A 238 -17.61 9.38 24.28
CA THR A 238 -16.27 8.82 24.14
C THR A 238 -16.19 8.03 22.83
N TYR A 239 -14.96 7.82 22.35
CA TYR A 239 -14.73 7.20 21.07
C TYR A 239 -13.64 6.16 21.19
N ARG A 240 -13.61 5.25 20.20
CA ARG A 240 -12.64 4.16 20.21
C ARG A 240 -11.25 4.69 19.87
N PHE A 241 -10.30 4.44 20.77
CA PHE A 241 -8.90 4.74 20.53
C PHE A 241 -8.09 3.46 20.67
N GLU A 242 -7.25 3.20 19.67
CA GLU A 242 -6.50 1.94 19.55
C GLU A 242 -7.52 0.81 19.47
N GLY A 243 -7.52 -0.16 20.38
CA GLY A 243 -8.48 -1.24 20.29
C GLY A 243 -8.93 -1.81 21.62
N TRP A 244 -8.73 -1.05 22.70
CA TRP A 244 -9.06 -1.55 24.03
C TRP A 244 -9.68 -0.53 24.97
N ARG A 245 -9.48 0.77 24.75
CA ARG A 245 -10.01 1.78 25.66
C ARG A 245 -10.79 2.83 24.88
N CYS A 246 -11.45 3.71 25.62
CA CYS A 246 -12.23 4.81 25.06
C CYS A 246 -11.69 6.13 25.60
N VAL A 247 -11.57 7.12 24.72
CA VAL A 247 -11.11 8.45 25.10
C VAL A 247 -12.18 9.46 24.69
N ASP A 248 -12.09 10.65 25.28
CA ASP A 248 -13.06 11.70 25.05
C ASP A 248 -12.68 12.53 23.83
N ARG A 249 -13.47 13.58 23.57
CA ARG A 249 -13.26 14.39 22.37
C ARG A 249 -12.02 15.25 22.48
N ASP A 250 -11.70 15.74 23.69
CA ASP A 250 -10.54 16.60 23.87
C ASP A 250 -9.21 15.85 23.80
N PHE A 251 -9.22 14.53 24.01
CA PHE A 251 -7.98 13.77 23.96
C PHE A 251 -7.44 13.67 22.54
N CYS A 252 -8.30 13.24 21.60
CA CYS A 252 -7.89 13.11 20.20
C CYS A 252 -7.68 14.46 19.53
N ALA A 253 -8.13 15.56 20.14
CA ALA A 253 -7.78 16.89 19.68
C ALA A 253 -6.38 17.30 20.11
N ASN A 254 -5.70 16.49 20.92
CA ASN A 254 -4.33 16.74 21.33
C ASN A 254 -3.33 15.76 20.73
N ILE A 255 -3.80 14.74 20.02
CA ILE A 255 -2.91 13.77 19.39
C ILE A 255 -2.45 14.32 18.04
N LEU A 256 -1.21 13.99 17.68
CA LEU A 256 -0.61 14.44 16.43
C LEU A 256 0.07 13.25 15.77
N SER A 257 -0.25 13.02 14.50
CA SER A 257 0.30 11.89 13.77
C SER A 257 1.80 12.10 13.53
N ALA A 258 2.43 11.09 12.92
CA ALA A 258 3.86 11.14 12.63
C ALA A 258 4.18 12.39 11.82
N GLU A 259 5.26 13.07 12.20
CA GLU A 259 5.57 14.38 11.64
C GLU A 259 5.89 14.27 10.17
N SER A 260 5.16 15.04 9.35
CA SER A 260 5.41 15.17 7.93
C SER A 260 5.04 16.59 7.52
N SER A 261 5.13 16.86 6.22
CA SER A 261 4.72 18.18 5.74
C SER A 261 3.21 18.34 5.78
N ASP A 262 2.46 17.26 5.56
CA ASP A 262 1.01 17.27 5.63
C ASP A 262 0.51 16.47 6.83
N SER A 263 1.22 16.58 7.95
CA SER A 263 0.84 15.89 9.18
C SER A 263 -0.15 16.74 9.97
N GLU A 264 -1.27 16.13 10.37
CA GLU A 264 -2.28 16.84 11.14
C GLU A 264 -2.75 15.98 12.31
N GLY A 265 -3.76 16.45 13.03
CA GLY A 265 -4.26 15.72 14.18
C GLY A 265 -5.05 14.49 13.77
N PHE A 266 -5.63 13.86 14.78
CA PHE A 266 -6.44 12.66 14.57
C PHE A 266 -7.89 13.04 14.30
N VAL A 267 -8.61 12.12 13.66
CA VAL A 267 -9.99 12.35 13.25
C VAL A 267 -10.91 11.47 14.08
N ILE A 268 -12.15 11.93 14.22
CA ILE A 268 -13.21 11.19 14.90
C ILE A 268 -14.22 10.76 13.83
N HIS A 269 -14.39 9.45 13.67
CA HIS A 269 -15.25 8.93 12.61
C HIS A 269 -15.80 7.57 13.02
N ASP A 270 -17.11 7.40 12.84
CA ASP A 270 -17.81 6.16 13.18
C ASP A 270 -17.61 5.80 14.64
N GLY A 271 -17.64 6.81 15.51
CA GLY A 271 -17.33 6.61 16.92
C GLY A 271 -15.92 6.14 17.21
N GLU A 272 -15.01 6.27 16.25
CA GLU A 272 -13.62 5.85 16.42
C GLU A 272 -12.70 7.04 16.22
N CYS A 273 -11.53 6.97 16.87
CA CYS A 273 -10.52 8.02 16.80
C CYS A 273 -9.28 7.41 16.12
N MET A 274 -9.19 7.60 14.81
CA MET A 274 -8.13 7.05 14.00
C MET A 274 -7.11 8.14 13.66
N GLN A 275 -6.04 7.74 12.97
CA GLN A 275 -5.01 8.70 12.58
C GLN A 275 -5.47 9.55 11.40
N GLU A 276 -5.99 8.91 10.37
CA GLU A 276 -6.47 9.60 9.18
C GLU A 276 -7.83 9.05 8.79
N CYS A 277 -8.61 9.87 8.08
CA CYS A 277 -9.91 9.44 7.61
C CYS A 277 -9.76 8.20 6.73
N PRO A 278 -10.70 7.25 6.80
CA PRO A 278 -10.57 6.02 6.01
C PRO A 278 -10.71 6.27 4.51
N SER A 279 -10.56 5.22 3.72
CA SER A 279 -10.68 5.35 2.27
C SER A 279 -12.10 5.78 1.90
N GLY A 280 -12.21 6.76 1.01
CA GLY A 280 -13.50 7.29 0.63
C GLY A 280 -14.01 8.37 1.54
N PHE A 281 -13.15 8.98 2.35
CA PHE A 281 -13.54 10.06 3.25
C PHE A 281 -12.46 11.12 3.25
N ILE A 282 -12.88 12.37 3.50
CA ILE A 282 -11.97 13.51 3.56
C ILE A 282 -12.35 14.37 4.75
N ARG A 283 -11.38 15.15 5.22
CA ARG A 283 -11.58 15.97 6.41
C ARG A 283 -12.47 17.16 6.09
N ASN A 284 -13.42 17.44 7.00
CA ASN A 284 -14.32 18.56 6.83
C ASN A 284 -13.60 19.88 7.09
N GLY A 285 -14.02 20.91 6.37
CA GLY A 285 -13.44 22.23 6.58
C GLY A 285 -13.80 22.81 7.94
N SER A 286 -12.91 23.68 8.44
CA SER A 286 -13.04 24.27 9.77
C SER A 286 -13.15 23.19 10.84
N GLN A 287 -14.31 22.53 10.91
CA GLN A 287 -14.49 21.40 11.81
C GLN A 287 -13.63 20.23 11.36
N SER A 288 -12.32 20.33 11.56
CA SER A 288 -11.35 19.38 11.02
C SER A 288 -11.19 18.13 11.89
N MET A 289 -12.10 17.89 12.83
CA MET A 289 -12.04 16.68 13.66
C MET A 289 -12.92 15.56 13.14
N TYR A 290 -13.72 15.80 12.10
CA TYR A 290 -14.63 14.80 11.55
C TYR A 290 -14.41 14.68 10.05
N CYS A 291 -14.76 13.51 9.52
CA CYS A 291 -14.58 13.21 8.11
C CYS A 291 -15.91 13.32 7.38
N ILE A 292 -15.90 14.02 6.25
CA ILE A 292 -17.10 14.19 5.44
C ILE A 292 -16.99 13.24 4.25
N PRO A 293 -18.09 12.58 3.84
CA PRO A 293 -18.01 11.62 2.72
C PRO A 293 -17.90 12.32 1.38
N CYS A 294 -16.73 12.23 0.77
CA CYS A 294 -16.56 12.66 -0.61
C CYS A 294 -17.01 11.53 -1.53
N GLU A 295 -17.85 11.86 -2.52
CA GLU A 295 -18.46 10.80 -3.33
C GLU A 295 -17.54 10.33 -4.44
N GLY A 296 -16.89 11.26 -5.16
CA GLY A 296 -15.96 10.90 -6.20
C GLY A 296 -14.65 10.42 -5.64
N PRO A 297 -13.62 10.33 -6.48
CA PRO A 297 -12.28 10.05 -5.96
C PRO A 297 -11.75 11.23 -5.17
N CYS A 298 -11.60 11.06 -3.86
CA CYS A 298 -11.28 12.20 -3.01
C CYS A 298 -9.92 12.79 -3.38
N PRO A 299 -9.78 14.11 -3.34
CA PRO A 299 -8.58 14.74 -3.91
C PRO A 299 -7.32 14.48 -3.10
N LYS A 300 -6.19 14.68 -3.75
CA LYS A 300 -4.87 14.57 -3.14
C LYS A 300 -4.20 15.94 -3.28
N VAL A 301 -4.55 16.85 -2.37
CA VAL A 301 -4.04 18.22 -2.44
C VAL A 301 -2.54 18.21 -2.11
N CYS A 302 -1.77 18.86 -2.98
CA CYS A 302 -0.32 18.91 -2.85
C CYS A 302 0.09 20.32 -2.42
N GLU A 303 0.77 20.41 -1.28
CA GLU A 303 1.24 21.68 -0.74
C GLU A 303 2.75 21.66 -0.67
N GLU A 304 3.38 22.62 -1.35
CA GLU A 304 4.84 22.73 -1.39
C GLU A 304 5.28 24.02 -0.69
N GLU A 305 6.44 23.95 -0.05
CA GLU A 305 6.91 25.09 0.74
C GLU A 305 7.33 26.26 -0.16
N LYS A 306 7.90 25.96 -1.32
CA LYS A 306 8.30 27.01 -2.24
C LYS A 306 7.07 27.66 -2.87
N LYS A 307 7.12 28.99 -2.99
CA LYS A 307 5.92 29.74 -3.40
C LYS A 307 5.51 29.40 -4.83
N THR A 308 6.47 29.37 -5.76
CA THR A 308 6.20 29.13 -7.17
C THR A 308 6.98 27.89 -7.60
N LYS A 309 6.26 26.80 -7.86
CA LYS A 309 6.88 25.57 -8.34
C LYS A 309 7.28 25.72 -9.80
N THR A 310 8.58 25.67 -10.06
CA THR A 310 9.11 25.80 -11.42
C THR A 310 9.31 24.43 -12.03
N ILE A 311 8.69 24.20 -13.19
CA ILE A 311 8.82 22.93 -13.89
C ILE A 311 9.76 23.12 -15.07
N ASP A 312 11.07 23.03 -14.80
CA ASP A 312 12.09 23.22 -15.81
C ASP A 312 12.59 21.90 -16.39
N SER A 313 11.99 20.78 -16.00
CA SER A 313 12.38 19.46 -16.48
C SER A 313 11.28 18.47 -16.14
N VAL A 314 11.36 17.28 -16.75
CA VAL A 314 10.42 16.22 -16.41
C VAL A 314 10.69 15.70 -15.01
N THR A 315 11.94 15.76 -14.56
CA THR A 315 12.26 15.32 -13.20
C THR A 315 11.68 16.27 -12.15
N SER A 316 11.56 17.55 -12.49
CA SER A 316 11.00 18.52 -11.54
C SER A 316 9.50 18.37 -11.41
N ALA A 317 8.81 17.99 -12.50
CA ALA A 317 7.36 17.80 -12.45
C ALA A 317 6.97 16.53 -11.70
N GLN A 318 7.94 15.68 -11.33
CA GLN A 318 7.61 14.42 -10.67
C GLN A 318 6.91 14.63 -9.33
N MET A 319 7.26 15.70 -8.61
CA MET A 319 6.64 15.97 -7.32
C MET A 319 5.15 16.29 -7.42
N LEU A 320 4.63 16.58 -8.61
CA LEU A 320 3.23 16.87 -8.83
C LEU A 320 2.44 15.63 -9.27
N GLN A 321 2.96 14.44 -9.01
CA GLN A 321 2.30 13.22 -9.48
C GLN A 321 1.07 12.92 -8.63
N GLY A 322 -0.06 12.74 -9.29
CA GLY A 322 -1.30 12.38 -8.61
C GLY A 322 -1.98 13.51 -7.88
N CYS A 323 -1.51 14.74 -8.00
CA CYS A 323 -2.13 15.86 -7.32
C CYS A 323 -3.44 16.24 -8.00
N THR A 324 -4.44 16.57 -7.19
CA THR A 324 -5.72 17.05 -7.68
C THR A 324 -5.85 18.56 -7.59
N ILE A 325 -5.50 19.14 -6.44
CA ILE A 325 -5.49 20.58 -6.23
C ILE A 325 -4.07 20.98 -5.86
N PHE A 326 -3.59 22.08 -6.43
CA PHE A 326 -2.24 22.57 -6.20
C PHE A 326 -2.31 23.90 -5.45
N LYS A 327 -1.87 23.90 -4.20
CA LYS A 327 -1.80 25.12 -3.39
C LYS A 327 -0.47 25.80 -3.69
N GLY A 328 -0.46 26.62 -4.73
CA GLY A 328 0.74 27.34 -5.11
C GLY A 328 0.63 27.88 -6.53
N ASN A 329 1.79 28.14 -7.11
CA ASN A 329 1.90 28.70 -8.45
C ASN A 329 2.69 27.75 -9.34
N LEU A 330 2.34 27.73 -10.63
CA LEU A 330 2.99 26.88 -11.62
C LEU A 330 3.79 27.73 -12.57
N LEU A 331 5.08 27.43 -12.70
CA LEU A 331 5.97 28.10 -13.63
C LEU A 331 6.57 27.04 -14.55
N ILE A 332 6.12 27.02 -15.80
CA ILE A 332 6.55 26.02 -16.77
C ILE A 332 7.62 26.63 -17.65
N ASN A 333 8.83 26.04 -17.62
CA ASN A 333 9.98 26.54 -18.36
C ASN A 333 10.78 25.34 -18.88
N ILE A 334 10.19 24.63 -19.85
CA ILE A 334 10.76 23.39 -20.36
C ILE A 334 11.41 23.71 -21.70
N ARG A 335 12.73 23.88 -21.69
CA ARG A 335 13.48 24.04 -22.93
C ARG A 335 13.66 22.68 -23.61
N ARG A 336 14.56 21.85 -23.07
CA ARG A 336 14.81 20.52 -23.59
C ARG A 336 13.97 19.49 -22.84
N GLY A 337 14.09 18.23 -23.24
CA GLY A 337 13.38 17.16 -22.57
C GLY A 337 13.32 15.91 -23.41
N ASN A 338 12.62 14.92 -22.87
CA ASN A 338 12.44 13.64 -23.55
C ASN A 338 11.09 13.59 -24.25
N ASN A 339 10.37 12.48 -24.11
CA ASN A 339 8.97 12.42 -24.55
C ASN A 339 8.13 13.06 -23.44
N ILE A 340 7.70 14.29 -23.67
CA ILE A 340 7.22 15.16 -22.61
C ILE A 340 5.69 15.15 -22.51
N ALA A 341 5.01 15.14 -23.65
CA ALA A 341 3.55 15.23 -23.64
C ALA A 341 2.92 14.07 -22.89
N SER A 342 3.45 12.86 -23.07
CA SER A 342 2.96 11.71 -22.34
C SER A 342 3.49 11.63 -20.92
N GLU A 343 4.59 12.33 -20.62
CA GLU A 343 5.20 12.27 -19.29
C GLU A 343 4.57 13.25 -18.31
N LEU A 344 4.50 14.53 -18.66
CA LEU A 344 3.83 15.50 -17.80
C LEU A 344 2.38 15.11 -17.57
N GLU A 345 1.73 14.58 -18.60
CA GLU A 345 0.36 14.12 -18.52
C GLU A 345 0.20 13.01 -17.50
N ASN A 346 1.27 12.26 -17.19
CA ASN A 346 1.21 11.30 -16.11
C ASN A 346 1.24 11.99 -14.75
N PHE A 347 2.07 13.03 -14.60
CA PHE A 347 2.17 13.75 -13.33
C PHE A 347 1.05 14.79 -13.20
N MET A 348 1.03 15.77 -14.09
CA MET A 348 0.15 16.92 -13.99
C MET A 348 -1.22 16.70 -14.62
N GLY A 349 -1.47 15.52 -15.19
CA GLY A 349 -2.74 15.26 -15.84
C GLY A 349 -3.92 15.22 -14.90
N LEU A 350 -3.68 15.02 -13.60
CA LEU A 350 -4.75 14.94 -12.61
C LEU A 350 -5.00 16.27 -11.89
N ILE A 351 -4.12 17.26 -12.07
CA ILE A 351 -4.33 18.55 -11.42
C ILE A 351 -5.59 19.20 -11.99
N GLU A 352 -6.48 19.62 -11.09
CA GLU A 352 -7.74 20.22 -11.49
C GLU A 352 -7.87 21.69 -11.10
N VAL A 353 -7.32 22.09 -9.96
CA VAL A 353 -7.44 23.46 -9.47
C VAL A 353 -6.05 23.99 -9.13
N VAL A 354 -5.74 25.17 -9.63
CA VAL A 354 -4.50 25.88 -9.29
C VAL A 354 -4.89 27.12 -8.50
N THR A 355 -4.43 27.20 -7.26
CA THR A 355 -4.81 28.32 -6.40
C THR A 355 -4.22 29.64 -6.88
N GLY A 356 -3.03 29.60 -7.48
CA GLY A 356 -2.38 30.82 -7.91
C GLY A 356 -2.42 31.02 -9.41
N TYR A 357 -1.29 31.44 -9.99
CA TYR A 357 -1.19 31.70 -11.42
C TYR A 357 -0.42 30.59 -12.10
N VAL A 358 -0.47 30.60 -13.44
CA VAL A 358 0.24 29.64 -14.27
C VAL A 358 1.03 30.43 -15.31
N LYS A 359 2.34 30.21 -15.35
CA LYS A 359 3.22 30.92 -16.28
C LYS A 359 3.96 29.90 -17.14
N ILE A 360 3.78 29.99 -18.45
CA ILE A 360 4.49 29.14 -19.40
C ILE A 360 5.50 30.01 -20.14
N ARG A 361 6.74 30.03 -19.65
CA ARG A 361 7.79 30.89 -20.17
C ARG A 361 8.91 30.04 -20.73
N HIS A 362 9.35 30.36 -21.94
CA HIS A 362 10.49 29.72 -22.61
C HIS A 362 10.27 28.23 -22.83
N SER A 363 9.03 27.76 -22.77
CA SER A 363 8.72 26.34 -22.96
C SER A 363 8.69 26.04 -24.46
N HIS A 364 9.89 25.88 -25.03
CA HIS A 364 10.01 25.62 -26.46
C HIS A 364 9.64 24.19 -26.82
N ALA A 365 9.77 23.25 -25.88
CA ALA A 365 9.43 21.87 -26.16
C ALA A 365 7.91 21.67 -26.26
N LEU A 366 7.13 22.52 -25.62
CA LEU A 366 5.69 22.37 -25.58
C LEU A 366 5.07 22.85 -26.88
N VAL A 367 4.43 21.95 -27.62
CA VAL A 367 3.58 22.37 -28.73
C VAL A 367 2.13 22.49 -28.32
N SER A 368 1.75 21.89 -27.19
CA SER A 368 0.40 21.99 -26.67
C SER A 368 0.44 21.81 -25.15
N LEU A 369 -0.52 22.44 -24.48
CA LEU A 369 -0.69 22.31 -23.04
C LEU A 369 -1.65 21.18 -22.66
N SER A 370 -1.88 20.23 -23.57
CA SER A 370 -2.88 19.19 -23.34
C SER A 370 -2.54 18.29 -22.16
N PHE A 371 -1.30 18.33 -21.67
CA PHE A 371 -0.95 17.53 -20.50
C PHE A 371 -1.67 18.02 -19.23
N LEU A 372 -2.21 19.23 -19.25
CA LEU A 372 -3.04 19.74 -18.16
C LEU A 372 -4.51 19.54 -18.50
N LYS A 373 -4.94 18.28 -18.41
CA LYS A 373 -6.28 17.90 -18.85
C LYS A 373 -7.35 18.36 -17.86
N ASN A 374 -7.42 17.72 -16.70
CA ASN A 374 -8.49 17.96 -15.74
C ASN A 374 -8.41 19.33 -15.09
N LEU A 375 -7.42 20.15 -15.46
CA LEU A 375 -7.34 21.52 -14.97
C LEU A 375 -8.54 22.32 -15.44
N ARG A 376 -9.51 22.52 -14.55
CA ARG A 376 -10.73 23.24 -14.88
C ARG A 376 -10.91 24.51 -14.06
N LEU A 377 -9.99 24.83 -13.16
CA LEU A 377 -10.13 26.02 -12.32
C LEU A 377 -8.76 26.62 -12.04
N ILE A 378 -8.61 27.91 -12.35
CA ILE A 378 -7.45 28.70 -11.96
C ILE A 378 -7.97 29.89 -11.18
N LEU A 379 -7.60 29.99 -9.90
CA LEU A 379 -8.12 31.04 -9.05
C LEU A 379 -7.38 32.36 -9.27
N GLY A 380 -6.51 32.71 -8.33
CA GLY A 380 -5.77 33.95 -8.42
C GLY A 380 -5.43 34.53 -7.07
N GLU A 381 -5.05 33.68 -6.12
CA GLU A 381 -4.60 34.16 -4.82
C GLU A 381 -3.39 35.07 -4.96
N GLU A 382 -2.41 34.65 -5.75
CA GLU A 382 -1.25 35.47 -6.08
C GLU A 382 -1.17 35.59 -7.60
N GLN A 383 -0.96 36.81 -8.09
CA GLN A 383 -0.87 37.07 -9.51
C GLN A 383 0.41 37.82 -9.81
N LEU A 384 0.96 37.57 -11.00
CA LEU A 384 2.18 38.25 -11.42
C LEU A 384 1.96 39.76 -11.47
N GLU A 385 3.07 40.50 -11.48
CA GLU A 385 3.00 41.95 -11.45
C GLU A 385 2.20 42.47 -12.64
N GLY A 386 1.18 43.27 -12.34
CA GLY A 386 0.21 43.66 -13.34
C GLY A 386 -1.10 42.89 -13.27
N ASN A 387 -1.29 42.07 -12.25
CA ASN A 387 -2.51 41.28 -12.06
C ASN A 387 -2.74 40.35 -13.25
N TYR A 388 -1.85 39.36 -13.35
CA TYR A 388 -1.90 38.34 -14.40
C TYR A 388 -2.00 36.97 -13.78
N SER A 389 -2.98 36.17 -14.20
CA SER A 389 -3.13 34.81 -13.74
C SER A 389 -2.70 33.77 -14.77
N PHE A 390 -2.67 34.14 -16.05
CA PHE A 390 -2.20 33.26 -17.11
C PHE A 390 -1.22 34.04 -17.96
N TYR A 391 0.05 33.61 -17.98
CA TYR A 391 1.13 34.40 -18.55
C TYR A 391 2.03 33.47 -19.35
N VAL A 392 1.95 33.55 -20.68
CA VAL A 392 2.83 32.79 -21.56
C VAL A 392 3.73 33.77 -22.30
N LEU A 393 4.94 33.31 -22.61
CA LEU A 393 5.94 34.20 -23.21
C LEU A 393 7.05 33.36 -23.82
N ASP A 394 7.36 33.64 -25.09
CA ASP A 394 8.50 33.06 -25.80
C ASP A 394 8.41 31.53 -25.85
N ASN A 395 7.39 31.07 -26.58
CA ASN A 395 7.17 29.64 -26.81
C ASN A 395 7.22 29.44 -28.32
N GLN A 396 8.43 29.14 -28.84
CA GLN A 396 8.66 29.11 -30.28
C GLN A 396 7.93 27.99 -30.99
N ASN A 397 7.38 27.01 -30.26
CA ASN A 397 6.72 25.87 -30.90
C ASN A 397 5.31 25.62 -30.39
N LEU A 398 4.78 26.46 -29.51
CA LEU A 398 3.44 26.27 -28.97
C LEU A 398 2.43 26.53 -30.08
N GLN A 399 1.98 25.46 -30.74
CA GLN A 399 1.00 25.60 -31.81
C GLN A 399 -0.41 25.82 -31.29
N GLN A 400 -0.75 25.20 -30.16
CA GLN A 400 -2.10 25.29 -29.63
C GLN A 400 -2.03 25.20 -28.11
N LEU A 401 -3.00 25.83 -27.45
CA LEU A 401 -3.19 25.63 -26.01
C LEU A 401 -3.93 24.32 -25.78
N TRP A 402 -4.22 24.02 -24.52
CA TRP A 402 -5.11 22.90 -24.23
C TRP A 402 -6.57 23.29 -24.35
N ASP A 403 -6.85 24.46 -24.94
CA ASP A 403 -8.21 24.97 -25.06
C ASP A 403 -8.75 24.59 -26.44
N TRP A 404 -9.29 23.37 -26.51
CA TRP A 404 -10.15 22.97 -27.61
C TRP A 404 -11.58 22.88 -27.09
N ASP A 405 -12.54 22.82 -28.01
CA ASP A 405 -13.96 22.94 -27.67
C ASP A 405 -14.47 21.83 -26.75
N HIS A 406 -13.62 20.92 -26.28
CA HIS A 406 -14.03 19.85 -25.36
C HIS A 406 -13.77 20.18 -23.89
N ARG A 407 -12.67 20.86 -23.60
CA ARG A 407 -12.26 21.10 -22.22
C ARG A 407 -12.92 22.36 -21.66
N ASN A 408 -13.06 22.38 -20.33
CA ASN A 408 -13.59 23.52 -19.61
C ASN A 408 -12.49 24.20 -18.81
N LEU A 409 -12.68 25.49 -18.55
CA LEU A 409 -11.69 26.28 -17.83
C LEU A 409 -12.38 27.51 -17.25
N THR A 410 -11.87 27.98 -16.11
CA THR A 410 -12.40 29.17 -15.47
C THR A 410 -11.28 29.84 -14.68
N ILE A 411 -10.89 31.03 -15.10
CA ILE A 411 -9.95 31.87 -14.36
C ILE A 411 -10.77 32.84 -13.54
N LYS A 412 -10.70 32.72 -12.21
CA LYS A 412 -11.56 33.51 -11.34
C LYS A 412 -11.12 34.97 -11.31
N ALA A 413 -9.81 35.21 -11.14
CA ALA A 413 -9.29 36.56 -11.09
C ALA A 413 -7.94 36.61 -11.81
N GLY A 414 -7.67 37.74 -12.44
CA GLY A 414 -6.43 37.95 -13.15
C GLY A 414 -6.65 38.15 -14.64
N LYS A 415 -5.60 38.61 -15.30
CA LYS A 415 -5.60 38.85 -16.74
C LYS A 415 -4.70 37.82 -17.43
N MET A 416 -4.67 37.88 -18.75
CA MET A 416 -3.90 36.96 -19.57
C MET A 416 -2.98 37.74 -20.49
N TYR A 417 -1.72 37.35 -20.55
CA TYR A 417 -0.72 38.00 -21.38
C TYR A 417 -0.11 37.00 -22.34
N PHE A 418 -0.08 37.35 -23.63
CA PHE A 418 0.44 36.48 -24.68
C PHE A 418 1.42 37.29 -25.53
N ALA A 419 2.64 36.78 -25.67
CA ALA A 419 3.66 37.49 -26.43
C ALA A 419 4.73 36.53 -26.91
N PHE A 420 5.23 36.78 -28.12
CA PHE A 420 6.35 36.03 -28.71
C PHE A 420 6.03 34.53 -28.79
N ASN A 421 4.79 34.20 -29.13
CA ASN A 421 4.36 32.84 -29.43
C ASN A 421 4.03 32.78 -30.91
N PRO A 422 4.98 32.40 -31.76
CA PRO A 422 4.77 32.55 -33.21
C PRO A 422 3.88 31.48 -33.82
N LYS A 423 4.03 30.23 -33.38
CA LYS A 423 3.24 29.13 -33.91
C LYS A 423 1.83 29.10 -33.36
N LEU A 424 1.49 29.95 -32.41
CA LEU A 424 0.16 29.99 -31.81
C LEU A 424 -0.71 30.98 -32.58
N CYS A 425 -1.81 30.48 -33.16
CA CYS A 425 -2.73 31.35 -33.87
C CYS A 425 -3.47 32.26 -32.88
N VAL A 426 -3.53 33.55 -33.21
CA VAL A 426 -4.14 34.52 -32.31
C VAL A 426 -5.63 34.25 -32.11
N SER A 427 -6.26 33.54 -33.04
CA SER A 427 -7.66 33.20 -32.89
C SER A 427 -7.88 32.16 -31.79
N GLU A 428 -6.87 31.35 -31.48
CA GLU A 428 -7.03 30.33 -30.46
C GLU A 428 -7.13 30.92 -29.07
N ILE A 429 -6.44 32.03 -28.81
CA ILE A 429 -6.48 32.65 -27.49
C ILE A 429 -7.68 33.56 -27.33
N TYR A 430 -8.28 34.02 -28.43
CA TYR A 430 -9.58 34.69 -28.34
C TYR A 430 -10.68 33.71 -27.96
N ARG A 431 -10.58 32.47 -28.46
CA ARG A 431 -11.51 31.42 -28.07
C ARG A 431 -11.29 30.98 -26.63
N MET A 432 -10.11 31.24 -26.06
CA MET A 432 -9.83 30.84 -24.70
C MET A 432 -10.61 31.67 -23.70
N GLU A 433 -10.58 33.00 -23.86
CA GLU A 433 -11.25 33.89 -22.92
C GLU A 433 -12.76 33.77 -22.97
N GLU A 434 -13.32 33.05 -23.95
CA GLU A 434 -14.75 32.77 -23.93
C GLU A 434 -15.10 31.79 -22.82
N VAL A 435 -14.38 30.66 -22.76
CA VAL A 435 -14.56 29.73 -21.66
C VAL A 435 -13.92 30.26 -20.39
N THR A 436 -12.77 30.93 -20.52
CA THR A 436 -12.09 31.50 -19.36
C THR A 436 -12.98 32.53 -18.66
N GLY A 437 -13.72 33.32 -19.43
CA GLY A 437 -14.58 34.33 -18.87
C GLY A 437 -13.91 35.67 -18.64
N THR A 438 -12.83 35.97 -19.36
CA THR A 438 -12.10 37.23 -19.23
C THR A 438 -12.00 37.89 -20.60
N LYS A 439 -13.16 38.17 -21.20
CA LYS A 439 -13.17 38.70 -22.57
C LYS A 439 -12.63 40.13 -22.62
N GLY A 440 -13.21 41.04 -21.86
CA GLY A 440 -12.79 42.42 -21.89
C GLY A 440 -11.96 42.84 -20.69
N ARG A 441 -11.30 41.87 -20.05
CA ARG A 441 -10.50 42.15 -18.86
C ARG A 441 -9.07 42.56 -19.18
N GLN A 442 -8.49 42.03 -20.25
CA GLN A 442 -7.11 42.34 -20.57
C GLN A 442 -7.01 43.70 -21.26
N SER A 443 -5.77 44.15 -21.46
CA SER A 443 -5.50 45.42 -22.10
C SER A 443 -5.30 45.21 -23.60
N LYS A 444 -4.89 46.27 -24.30
CA LYS A 444 -4.66 46.18 -25.74
C LYS A 444 -3.30 45.60 -26.08
N GLY A 445 -2.33 45.69 -25.16
CA GLY A 445 -1.00 45.15 -25.41
C GLY A 445 -0.81 43.76 -24.85
N ASP A 446 -1.78 43.28 -24.07
CA ASP A 446 -1.68 41.93 -23.52
C ASP A 446 -1.77 40.88 -24.63
N ILE A 447 -2.65 41.08 -25.60
CA ILE A 447 -2.78 40.20 -26.75
C ILE A 447 -2.50 41.05 -27.99
N ASN A 448 -1.33 40.84 -28.59
CA ASN A 448 -0.92 41.58 -29.78
C ASN A 448 -0.70 40.61 -30.93
N THR A 449 -1.04 41.05 -32.14
CA THR A 449 -0.91 40.24 -33.34
C THR A 449 0.45 40.35 -34.00
N ARG A 450 1.35 41.18 -33.45
CA ARG A 450 2.64 41.42 -34.10
C ARG A 450 3.59 40.25 -33.93
N ASN A 451 3.93 39.92 -32.68
CA ASN A 451 4.86 38.83 -32.41
C ASN A 451 4.15 37.50 -32.13
N ASN A 452 2.81 37.48 -32.18
CA ASN A 452 2.04 36.25 -32.02
C ASN A 452 1.35 35.92 -33.33
N GLY A 453 1.31 34.63 -33.65
CA GLY A 453 0.78 34.21 -34.94
C GLY A 453 1.66 34.64 -36.10
N GLU A 454 2.95 34.85 -35.86
CA GLU A 454 3.84 35.30 -36.92
C GLU A 454 4.11 34.21 -37.94
N ARG A 455 4.39 32.99 -37.48
CA ARG A 455 4.61 31.85 -38.35
C ARG A 455 3.45 30.87 -38.35
N ALA A 456 2.31 31.25 -37.79
CA ALA A 456 1.18 30.34 -37.66
C ALA A 456 0.34 30.33 -38.92
N SER A 457 -0.14 29.15 -39.29
CA SER A 457 -1.01 28.95 -40.46
C SER A 457 -2.40 28.61 -39.94
N CYS A 458 -3.21 29.66 -39.72
CA CYS A 458 -4.53 29.47 -39.15
C CYS A 458 -5.52 28.97 -40.20
N GLU A 459 -5.99 29.85 -41.07
CA GLU A 459 -6.88 29.44 -42.14
C GLU A 459 -6.11 28.64 -43.18
N SER A 460 -6.47 27.36 -43.34
CA SER A 460 -5.76 26.45 -44.22
C SER A 460 -6.73 25.78 -45.18
N ASP A 461 -6.22 25.42 -46.35
CA ASP A 461 -7.03 24.72 -47.34
C ASP A 461 -7.32 23.29 -46.86
N VAL A 462 -8.11 22.57 -47.66
CA VAL A 462 -8.54 21.22 -47.32
C VAL A 462 -8.03 20.27 -48.40
N LEU A 463 -7.18 19.33 -48.00
CA LEU A 463 -6.76 18.25 -48.89
C LEU A 463 -7.80 17.15 -48.86
N HIS A 464 -8.24 16.73 -50.05
CA HIS A 464 -9.30 15.73 -50.18
C HIS A 464 -8.70 14.40 -50.61
N PHE A 465 -9.00 13.35 -49.84
CA PHE A 465 -8.58 12.01 -50.23
C PHE A 465 -9.41 11.54 -51.43
N THR A 466 -8.81 10.66 -52.21
CA THR A 466 -9.41 10.21 -53.46
C THR A 466 -9.77 8.74 -53.47
N SER A 467 -8.92 7.87 -52.92
CA SER A 467 -9.19 6.45 -52.93
C SER A 467 -8.36 5.77 -51.84
N THR A 468 -8.89 4.67 -51.32
CA THR A 468 -8.21 3.86 -50.31
C THR A 468 -8.35 2.39 -50.67
N THR A 469 -7.26 1.64 -50.55
CA THR A 469 -7.24 0.21 -50.82
C THR A 469 -6.55 -0.48 -49.65
N THR A 470 -7.19 -1.50 -49.09
CA THR A 470 -6.77 -2.11 -47.84
C THR A 470 -6.53 -3.60 -48.01
N SER A 471 -5.40 -4.07 -47.47
CA SER A 471 -5.12 -5.50 -47.40
C SER A 471 -4.98 -5.91 -45.93
N LYS A 472 -4.25 -6.99 -45.66
CA LYS A 472 -4.01 -7.42 -44.29
C LYS A 472 -2.84 -6.72 -43.63
N ASN A 473 -1.97 -6.09 -44.41
CA ASN A 473 -0.85 -5.35 -43.85
C ASN A 473 -0.42 -4.15 -44.68
N ARG A 474 -1.05 -3.89 -45.82
CA ARG A 474 -0.72 -2.76 -46.67
C ARG A 474 -1.96 -1.91 -46.91
N ILE A 475 -1.75 -0.60 -47.03
CA ILE A 475 -2.82 0.35 -47.31
C ILE A 475 -2.32 1.30 -48.40
N ILE A 476 -3.07 1.38 -49.49
CA ILE A 476 -2.82 2.35 -50.56
C ILE A 476 -3.86 3.44 -50.43
N ILE A 477 -3.42 4.69 -50.28
CA ILE A 477 -4.31 5.83 -50.12
C ILE A 477 -3.76 6.98 -50.95
N THR A 478 -4.64 7.64 -51.70
CA THR A 478 -4.25 8.74 -52.58
C THR A 478 -5.15 9.94 -52.33
N TRP A 479 -4.57 11.14 -52.45
CA TRP A 479 -5.29 12.38 -52.31
C TRP A 479 -5.16 13.19 -53.59
N HIS A 480 -6.04 14.19 -53.73
CA HIS A 480 -6.07 14.98 -54.94
C HIS A 480 -4.84 15.87 -55.06
N ARG A 481 -4.43 16.14 -56.29
CA ARG A 481 -3.32 17.06 -56.52
C ARG A 481 -3.66 18.44 -56.00
N TYR A 482 -2.68 19.11 -55.40
CA TYR A 482 -2.89 20.39 -54.74
C TYR A 482 -2.04 21.45 -55.44
N ARG A 483 -2.70 22.40 -56.10
CA ARG A 483 -2.01 23.55 -56.65
C ARG A 483 -1.87 24.61 -55.57
N PRO A 484 -0.66 25.06 -55.24
CA PRO A 484 -0.47 26.03 -54.16
C PRO A 484 -1.12 27.36 -54.51
N PRO A 485 -1.41 28.19 -53.50
CA PRO A 485 -2.04 29.50 -53.80
C PRO A 485 -1.19 30.39 -54.69
N ASP A 486 0.12 30.34 -54.55
CA ASP A 486 1.03 31.06 -55.43
C ASP A 486 1.61 30.12 -56.48
N TYR A 487 1.95 30.68 -57.64
CA TYR A 487 2.54 29.87 -58.71
C TYR A 487 3.94 29.39 -58.34
N ARG A 488 4.68 30.17 -57.55
CA ARG A 488 6.08 29.90 -57.29
C ARG A 488 6.32 28.92 -56.15
N ASP A 489 5.30 28.64 -55.33
CA ASP A 489 5.49 27.83 -54.14
C ASP A 489 5.89 26.40 -54.50
N LEU A 490 6.96 25.91 -53.88
CA LEU A 490 7.35 24.51 -54.01
C LEU A 490 6.48 23.68 -53.07
N ILE A 491 5.88 22.62 -53.60
CA ILE A 491 4.87 21.85 -52.88
C ILE A 491 5.39 20.45 -52.61
N SER A 492 5.18 19.97 -51.38
CA SER A 492 5.47 18.60 -51.00
C SER A 492 4.41 18.17 -49.99
N PHE A 493 4.36 16.87 -49.73
CA PHE A 493 3.35 16.30 -48.85
C PHE A 493 3.99 15.52 -47.70
N THR A 494 3.19 15.31 -46.66
CA THR A 494 3.61 14.56 -45.49
C THR A 494 2.43 13.75 -44.99
N VAL A 495 2.63 12.44 -44.82
CA VAL A 495 1.57 11.52 -44.42
C VAL A 495 1.72 11.22 -42.93
N TYR A 496 0.69 11.53 -42.16
CA TYR A 496 0.64 11.22 -40.73
C TYR A 496 -0.30 10.05 -40.52
N TYR A 497 0.22 8.94 -40.01
CA TYR A 497 -0.59 7.77 -39.74
C TYR A 497 -0.15 7.13 -38.43
N LYS A 498 -1.12 6.62 -37.68
CA LYS A 498 -0.83 5.92 -36.44
C LYS A 498 -1.99 4.99 -36.11
N GLU A 499 -1.68 3.95 -35.34
CA GLU A 499 -2.70 3.02 -34.88
C GLU A 499 -3.57 3.69 -33.82
N ALA A 500 -4.86 3.81 -34.10
CA ALA A 500 -5.80 4.42 -33.18
C ALA A 500 -6.86 3.39 -32.79
N PRO A 501 -6.96 3.02 -31.51
CA PRO A 501 -8.00 2.06 -31.12
C PRO A 501 -9.40 2.57 -31.38
N PHE A 502 -9.67 3.84 -31.07
CA PHE A 502 -10.95 4.47 -31.39
C PHE A 502 -10.69 5.89 -31.87
N LYS A 503 -11.78 6.64 -32.08
CA LYS A 503 -11.72 7.79 -32.97
C LYS A 503 -11.26 9.07 -32.28
N ASN A 504 -11.42 9.17 -30.95
CA ASN A 504 -11.01 10.40 -30.28
C ASN A 504 -9.50 10.58 -30.42
N VAL A 505 -9.10 11.10 -31.57
CA VAL A 505 -7.72 11.33 -31.92
C VAL A 505 -7.56 12.80 -32.27
N THR A 506 -6.61 13.46 -31.63
CA THR A 506 -6.25 14.83 -31.96
C THR A 506 -4.97 14.83 -32.77
N GLU A 507 -4.80 15.91 -33.55
CA GLU A 507 -3.58 16.02 -34.36
C GLU A 507 -2.36 16.34 -33.52
N TYR A 508 -2.54 16.95 -32.34
CA TYR A 508 -1.43 17.31 -31.46
C TYR A 508 -1.29 16.23 -30.39
N ASP A 509 -0.21 15.44 -30.48
CA ASP A 509 0.08 14.43 -29.47
C ASP A 509 1.57 14.30 -29.18
N GLY A 510 2.43 15.06 -29.84
CA GLY A 510 3.85 15.00 -29.63
C GLY A 510 4.39 16.23 -28.92
N GLN A 511 5.70 16.43 -29.07
CA GLN A 511 6.38 17.55 -28.43
C GLN A 511 7.45 18.09 -29.36
N ASP A 512 7.50 19.41 -29.50
CA ASP A 512 8.50 20.10 -30.33
C ASP A 512 8.37 19.56 -31.76
N ALA A 513 9.45 19.41 -32.51
CA ALA A 513 9.43 18.68 -33.78
C ALA A 513 10.10 17.32 -33.65
N CYS A 514 10.39 16.88 -32.42
CA CYS A 514 10.97 15.57 -32.17
C CYS A 514 10.01 14.62 -31.47
N GLY A 515 8.79 15.07 -31.16
CA GLY A 515 7.83 14.25 -30.46
C GLY A 515 7.35 13.06 -31.27
N SER A 516 8.14 12.00 -31.30
CA SER A 516 7.73 10.74 -31.92
C SER A 516 6.78 9.94 -31.04
N ASN A 517 5.88 10.64 -30.33
CA ASN A 517 5.00 9.97 -29.38
C ASN A 517 4.00 9.06 -30.07
N SER A 518 3.52 9.46 -31.26
CA SER A 518 2.38 8.77 -31.84
C SER A 518 2.46 8.69 -33.38
N TRP A 519 2.33 9.83 -34.04
CA TRP A 519 2.16 9.85 -35.49
C TRP A 519 3.44 9.42 -36.21
N ASN A 520 3.30 8.46 -37.11
CA ASN A 520 4.38 8.09 -38.02
C ASN A 520 4.28 8.96 -39.27
N MET A 521 5.40 9.54 -39.67
CA MET A 521 5.42 10.56 -40.71
C MET A 521 6.27 10.10 -41.88
N VAL A 522 5.72 10.21 -43.09
CA VAL A 522 6.41 9.85 -44.33
C VAL A 522 6.22 10.99 -45.32
N ASP A 523 7.33 11.49 -45.87
CA ASP A 523 7.31 12.59 -46.83
C ASP A 523 7.32 12.02 -48.24
N VAL A 524 6.19 12.17 -48.93
CA VAL A 524 6.06 11.76 -50.33
C VAL A 524 5.97 13.01 -51.19
N ASP A 525 6.68 12.99 -52.31
CA ASP A 525 6.73 14.14 -53.21
C ASP A 525 5.58 14.09 -54.21
N LEU A 526 5.26 15.25 -54.77
CA LEU A 526 4.28 15.33 -55.84
C LEU A 526 4.82 14.60 -57.06
N PRO A 527 4.03 13.73 -57.69
CA PRO A 527 4.54 12.96 -58.82
C PRO A 527 4.84 13.87 -60.00
N PRO A 528 5.82 13.52 -60.83
CA PRO A 528 6.15 14.37 -61.99
C PRO A 528 5.03 14.47 -63.00
N ASN A 529 4.48 13.32 -63.41
CA ASN A 529 3.36 13.32 -64.34
C ASN A 529 2.13 13.91 -63.66
N LYS A 530 1.50 14.88 -64.33
CA LYS A 530 0.34 15.57 -63.77
C LYS A 530 -0.94 14.73 -63.83
N ASP A 531 -0.92 13.62 -64.57
CA ASP A 531 -2.12 12.78 -64.66
C ASP A 531 -2.26 11.86 -63.46
N VAL A 532 -1.16 11.46 -62.83
CA VAL A 532 -1.19 10.61 -61.65
C VAL A 532 -1.25 11.51 -60.41
N GLU A 533 -2.06 11.11 -59.44
CA GLU A 533 -2.22 11.90 -58.23
C GLU A 533 -1.32 11.37 -57.13
N PRO A 534 -0.91 12.22 -56.18
CA PRO A 534 0.00 11.77 -55.12
C PRO A 534 -0.66 10.74 -54.22
N GLY A 535 0.11 9.73 -53.85
CA GLY A 535 -0.34 8.69 -52.96
C GLY A 535 0.83 8.15 -52.15
N ILE A 536 0.52 7.18 -51.29
CA ILE A 536 1.53 6.56 -50.44
C ILE A 536 1.12 5.12 -50.19
N LEU A 537 2.11 4.23 -50.11
CA LEU A 537 1.91 2.83 -49.78
C LEU A 537 2.48 2.57 -48.39
N LEU A 538 1.62 2.13 -47.49
CA LEU A 538 2.01 1.77 -46.13
C LEU A 538 2.27 0.27 -46.07
N HIS A 539 3.40 -0.12 -45.48
CA HIS A 539 3.80 -1.51 -45.42
C HIS A 539 4.07 -1.91 -43.97
N GLY A 540 3.71 -3.14 -43.62
CA GLY A 540 3.94 -3.65 -42.29
C GLY A 540 2.94 -3.14 -41.27
N LEU A 541 1.67 -3.49 -41.45
CA LEU A 541 0.60 -3.06 -40.56
C LEU A 541 -0.07 -4.27 -39.93
N LYS A 542 -0.64 -4.06 -38.75
CA LYS A 542 -1.31 -5.15 -38.05
C LYS A 542 -2.64 -5.46 -38.71
N PRO A 543 -2.94 -6.73 -38.99
CA PRO A 543 -4.23 -7.07 -39.61
C PRO A 543 -5.39 -6.73 -38.69
N TRP A 544 -6.46 -6.21 -39.29
CA TRP A 544 -7.66 -5.79 -38.57
C TRP A 544 -7.32 -4.80 -37.46
N THR A 545 -6.89 -3.62 -37.91
CA THR A 545 -6.48 -2.56 -36.99
C THR A 545 -6.85 -1.21 -37.60
N GLN A 546 -7.52 -0.38 -36.81
CA GLN A 546 -7.99 0.91 -37.29
C GLN A 546 -6.85 1.93 -37.21
N TYR A 547 -6.49 2.52 -38.35
CA TYR A 547 -5.41 3.49 -38.45
C TYR A 547 -5.96 4.87 -38.75
N ALA A 548 -5.45 5.88 -38.05
CA ALA A 548 -5.82 7.27 -38.29
C ALA A 548 -4.80 7.88 -39.25
N VAL A 549 -5.27 8.32 -40.42
CA VAL A 549 -4.41 8.85 -41.46
C VAL A 549 -4.89 10.24 -41.85
N TYR A 550 -3.94 11.16 -42.03
CA TYR A 550 -4.23 12.47 -42.60
C TYR A 550 -2.95 13.01 -43.23
N VAL A 551 -3.12 13.79 -44.29
CA VAL A 551 -2.02 14.31 -45.09
C VAL A 551 -1.93 15.82 -44.89
N LYS A 552 -0.71 16.32 -44.73
CA LYS A 552 -0.44 17.75 -44.64
C LYS A 552 0.48 18.15 -45.78
N ALA A 553 0.25 19.35 -46.32
CA ALA A 553 1.03 19.84 -47.44
C ALA A 553 2.19 20.71 -46.96
N VAL A 554 3.32 20.60 -47.65
CA VAL A 554 4.51 21.39 -47.32
C VAL A 554 4.68 22.47 -48.38
N THR A 555 4.13 23.65 -48.11
CA THR A 555 4.17 24.78 -49.05
C THR A 555 5.31 25.70 -48.67
N LEU A 556 6.43 25.58 -49.39
CA LEU A 556 7.59 26.45 -49.18
C LEU A 556 7.42 27.68 -50.08
N THR A 557 6.94 28.77 -49.48
CA THR A 557 6.61 29.97 -50.23
C THR A 557 7.88 30.79 -50.49
N MET A 558 8.16 31.04 -51.77
CA MET A 558 9.30 31.89 -52.11
C MET A 558 9.06 33.33 -51.68
N VAL A 559 7.83 33.81 -51.86
CA VAL A 559 7.42 35.14 -51.40
C VAL A 559 6.80 34.96 -50.02
N GLU A 560 7.57 35.28 -48.98
CA GLU A 560 7.14 35.08 -47.60
C GLU A 560 5.97 36.02 -47.29
N ASN A 561 4.79 35.65 -47.78
CA ASN A 561 3.57 36.39 -47.46
C ASN A 561 3.05 35.93 -46.10
N ASP A 562 2.94 36.87 -45.17
CA ASP A 562 2.43 36.54 -43.84
C ASP A 562 0.94 36.17 -43.84
N HIS A 563 0.32 36.08 -45.01
CA HIS A 563 -1.02 35.52 -45.16
C HIS A 563 -0.91 34.01 -45.38
N ILE A 564 -0.33 33.34 -44.39
CA ILE A 564 0.01 31.92 -44.52
C ILE A 564 -1.27 31.11 -44.69
N ARG A 565 -1.26 30.18 -45.64
CA ARG A 565 -2.42 29.35 -45.93
C ARG A 565 -2.16 27.90 -45.53
N GLY A 566 -1.44 27.16 -46.36
CA GLY A 566 -1.21 25.75 -46.13
C GLY A 566 -2.42 24.90 -46.45
N ALA A 567 -2.21 23.58 -46.43
CA ALA A 567 -3.27 22.62 -46.71
C ALA A 567 -3.19 21.47 -45.74
N LYS A 568 -4.34 21.04 -45.24
CA LYS A 568 -4.43 19.96 -44.27
C LYS A 568 -5.68 19.13 -44.56
N SER A 569 -5.58 17.82 -44.34
CA SER A 569 -6.65 16.90 -44.68
C SER A 569 -7.41 16.45 -43.43
N GLU A 570 -8.55 15.82 -43.67
CA GLU A 570 -9.39 15.30 -42.61
C GLU A 570 -8.79 14.01 -42.04
N ILE A 571 -9.08 13.75 -40.77
CA ILE A 571 -8.62 12.51 -40.14
C ILE A 571 -9.42 11.35 -40.71
N LEU A 572 -8.76 10.49 -41.49
CA LEU A 572 -9.41 9.35 -42.12
C LEU A 572 -9.06 8.08 -41.34
N TYR A 573 -10.10 7.34 -40.94
CA TYR A 573 -9.93 6.12 -40.18
C TYR A 573 -10.05 4.92 -41.11
N ILE A 574 -8.98 4.14 -41.21
CA ILE A 574 -8.88 3.02 -42.13
C ILE A 574 -8.46 1.78 -41.35
N ARG A 575 -9.21 0.69 -41.51
CA ARG A 575 -8.92 -0.57 -40.85
C ARG A 575 -8.52 -1.61 -41.89
N THR A 576 -7.43 -2.32 -41.63
CA THR A 576 -6.89 -3.29 -42.57
C THR A 576 -7.75 -4.56 -42.60
N ASN A 577 -7.50 -5.38 -43.60
CA ASN A 577 -8.28 -6.60 -43.78
C ASN A 577 -7.85 -7.67 -42.79
N ALA A 578 -8.83 -8.50 -42.39
CA ALA A 578 -8.57 -9.56 -41.44
C ALA A 578 -7.66 -10.63 -42.05
N SER A 579 -7.06 -11.43 -41.17
CA SER A 579 -6.13 -12.46 -41.59
C SER A 579 -6.33 -13.68 -40.69
N VAL A 580 -5.47 -14.67 -40.89
CA VAL A 580 -5.52 -15.88 -40.07
C VAL A 580 -5.13 -15.51 -38.63
N PRO A 581 -5.94 -15.86 -37.63
CA PRO A 581 -5.61 -15.49 -36.25
C PRO A 581 -4.34 -16.19 -35.77
N SER A 582 -3.88 -15.77 -34.60
CA SER A 582 -2.72 -16.39 -33.98
C SER A 582 -3.14 -17.67 -33.27
N ILE A 583 -2.14 -18.45 -32.85
CA ILE A 583 -2.37 -19.68 -32.12
C ILE A 583 -2.84 -19.34 -30.71
N PRO A 584 -3.69 -20.15 -30.10
CA PRO A 584 -4.08 -19.89 -28.70
C PRO A 584 -2.86 -19.94 -27.79
N LEU A 585 -2.92 -19.17 -26.70
CA LEU A 585 -1.79 -18.97 -25.81
C LEU A 585 -1.95 -19.81 -24.55
N ASP A 586 -0.88 -20.50 -24.17
CA ASP A 586 -0.75 -21.20 -22.90
C ASP A 586 -1.89 -22.20 -22.71
N VAL A 587 -1.77 -23.31 -23.44
CA VAL A 587 -2.75 -24.39 -23.37
C VAL A 587 -2.37 -25.29 -22.20
N LEU A 588 -3.23 -25.34 -21.18
CA LEU A 588 -3.03 -26.18 -20.01
C LEU A 588 -4.18 -27.18 -19.91
N SER A 589 -3.87 -28.39 -19.48
CA SER A 589 -4.85 -29.46 -19.41
C SER A 589 -4.64 -30.29 -18.16
N ALA A 590 -5.74 -30.78 -17.61
CA ALA A 590 -5.71 -31.63 -16.43
C ALA A 590 -6.86 -32.63 -16.52
N SER A 591 -6.84 -33.60 -15.61
CA SER A 591 -7.85 -34.66 -15.58
C SER A 591 -8.38 -34.80 -14.16
N ASN A 592 -9.60 -34.35 -13.93
CA ASN A 592 -10.25 -34.49 -12.63
C ASN A 592 -10.91 -35.84 -12.46
N SER A 593 -11.10 -36.60 -13.53
CA SER A 593 -11.76 -37.89 -13.46
C SER A 593 -11.39 -38.70 -14.69
N SER A 594 -11.58 -40.01 -14.60
CA SER A 594 -11.39 -40.86 -15.75
C SER A 594 -12.41 -40.54 -16.83
N SER A 595 -12.01 -40.73 -18.09
CA SER A 595 -12.83 -40.43 -19.26
C SER A 595 -13.21 -38.94 -19.35
N GLN A 596 -12.43 -38.07 -18.70
CA GLN A 596 -12.68 -36.64 -18.74
C GLN A 596 -11.35 -35.89 -18.74
N LEU A 597 -11.29 -34.83 -19.54
CA LEU A 597 -10.11 -33.98 -19.63
C LEU A 597 -10.55 -32.53 -19.70
N ILE A 598 -10.11 -31.72 -18.74
CA ILE A 598 -10.39 -30.28 -18.72
C ILE A 598 -9.20 -29.56 -19.33
N VAL A 599 -9.49 -28.59 -20.21
CA VAL A 599 -8.46 -27.83 -20.90
C VAL A 599 -8.82 -26.35 -20.83
N LYS A 600 -7.83 -25.51 -20.53
CA LYS A 600 -8.00 -24.08 -20.53
C LYS A 600 -6.86 -23.44 -21.30
N TRP A 601 -7.13 -22.25 -21.86
CA TRP A 601 -6.15 -21.54 -22.65
C TRP A 601 -6.46 -20.05 -22.61
N ASN A 602 -5.61 -19.27 -23.27
CA ASN A 602 -5.75 -17.82 -23.39
C ASN A 602 -6.07 -17.44 -24.82
N PRO A 603 -6.70 -16.28 -25.04
CA PRO A 603 -6.92 -15.80 -26.40
C PRO A 603 -5.61 -15.61 -27.14
N PRO A 604 -5.62 -15.67 -28.46
CA PRO A 604 -4.36 -15.54 -29.22
C PRO A 604 -3.75 -14.15 -29.08
N SER A 605 -2.46 -14.08 -29.40
CA SER A 605 -1.75 -12.81 -29.31
C SER A 605 -2.28 -11.79 -30.31
N LEU A 606 -2.44 -12.21 -31.57
CA LEU A 606 -2.94 -11.35 -32.64
C LEU A 606 -4.24 -11.96 -33.16
N PRO A 607 -5.39 -11.58 -32.60
CA PRO A 607 -6.65 -12.18 -33.05
C PRO A 607 -6.95 -11.93 -34.52
N ASN A 608 -6.57 -10.77 -35.06
CA ASN A 608 -6.78 -10.43 -36.46
C ASN A 608 -8.26 -10.54 -36.83
N GLY A 609 -9.11 -9.94 -36.02
CA GLY A 609 -10.54 -9.94 -36.24
C GLY A 609 -11.29 -10.25 -34.97
N ASN A 610 -12.62 -10.20 -35.07
CA ASN A 610 -13.48 -10.52 -33.93
C ASN A 610 -13.50 -12.01 -33.68
N LEU A 611 -13.18 -12.40 -32.44
CA LEU A 611 -13.19 -13.81 -32.08
C LEU A 611 -14.62 -14.35 -32.10
N SER A 612 -14.81 -15.48 -32.78
CA SER A 612 -16.10 -16.13 -32.87
C SER A 612 -16.19 -17.38 -32.01
N TYR A 613 -15.27 -18.32 -32.20
CA TYR A 613 -15.28 -19.56 -31.43
C TYR A 613 -13.90 -20.21 -31.54
N TYR A 614 -13.70 -21.26 -30.76
CA TYR A 614 -12.48 -22.06 -30.79
C TYR A 614 -12.82 -23.48 -31.21
N ILE A 615 -11.89 -24.10 -31.94
CA ILE A 615 -12.04 -25.47 -32.42
C ILE A 615 -10.95 -26.30 -31.76
N VAL A 616 -11.36 -27.21 -30.86
CA VAL A 616 -10.44 -28.09 -30.16
C VAL A 616 -10.56 -29.50 -30.76
N ARG A 617 -9.43 -30.19 -30.80
CA ARG A 617 -9.36 -31.55 -31.30
C ARG A 617 -8.55 -32.42 -30.35
N TRP A 618 -9.03 -33.64 -30.13
CA TRP A 618 -8.33 -34.60 -29.27
C TRP A 618 -8.19 -35.93 -30.01
N GLN A 619 -6.97 -36.46 -30.04
CA GLN A 619 -6.66 -37.70 -30.72
C GLN A 619 -6.09 -38.70 -29.73
N ARG A 620 -6.55 -39.95 -29.82
CA ARG A 620 -6.02 -41.00 -28.96
C ARG A 620 -4.56 -41.27 -29.29
N GLN A 621 -3.72 -41.33 -28.27
CA GLN A 621 -2.33 -41.69 -28.53
C GLN A 621 -2.09 -43.16 -28.20
N PRO A 622 -1.33 -43.87 -29.05
CA PRO A 622 -1.10 -45.29 -28.78
C PRO A 622 -0.17 -45.50 -27.60
N GLN A 623 -0.38 -46.59 -26.89
CA GLN A 623 0.53 -46.98 -25.83
C GLN A 623 1.87 -47.38 -26.42
N ASP A 624 2.93 -47.15 -25.65
CA ASP A 624 4.29 -47.35 -26.13
C ASP A 624 4.51 -48.81 -26.53
N GLY A 625 4.93 -49.03 -27.77
CA GLY A 625 5.17 -50.37 -28.24
C GLY A 625 6.40 -51.01 -27.63
N TYR A 626 7.38 -50.20 -27.25
CA TYR A 626 8.58 -50.72 -26.59
C TYR A 626 8.27 -51.27 -25.21
N LEU A 627 7.16 -50.85 -24.59
CA LEU A 627 6.82 -51.30 -23.24
C LEU A 627 6.41 -52.77 -23.20
N TYR A 628 5.89 -53.30 -24.31
CA TYR A 628 5.33 -54.65 -24.31
C TYR A 628 6.39 -55.74 -24.41
N ARG A 629 7.61 -55.40 -24.83
CA ARG A 629 8.58 -56.43 -25.17
C ARG A 629 9.43 -56.89 -23.97
N HIS A 630 9.81 -55.97 -23.09
CA HIS A 630 10.80 -56.29 -22.07
C HIS A 630 10.18 -57.10 -20.93
N ASN A 631 11.01 -57.94 -20.32
CA ASN A 631 10.63 -58.72 -19.14
C ASN A 631 10.96 -57.90 -17.90
N TYR A 632 9.93 -57.49 -17.18
CA TYR A 632 10.09 -56.54 -16.08
C TYR A 632 10.25 -57.20 -14.72
N CYS A 633 10.39 -58.52 -14.67
CA CYS A 633 10.80 -59.18 -13.44
C CYS A 633 12.31 -59.10 -13.21
N SER A 634 13.07 -58.67 -14.22
CA SER A 634 14.51 -58.49 -14.09
C SER A 634 14.91 -57.04 -13.86
N LYS A 635 14.15 -56.09 -14.39
CA LYS A 635 14.44 -54.67 -14.18
C LYS A 635 14.02 -54.24 -12.79
N ASP A 636 14.84 -53.39 -12.17
CA ASP A 636 14.57 -52.96 -10.80
C ASP A 636 13.47 -51.90 -10.73
N LYS A 637 13.48 -50.96 -11.68
CA LYS A 637 12.52 -49.85 -11.70
C LYS A 637 11.55 -50.05 -12.85
N ILE A 638 10.27 -50.19 -12.52
CA ILE A 638 9.23 -50.34 -13.54
C ILE A 638 8.70 -48.95 -13.90
N PRO A 639 8.42 -48.69 -15.17
CA PRO A 639 7.98 -47.34 -15.57
C PRO A 639 6.57 -47.05 -15.08
N ILE A 640 6.40 -45.84 -14.53
CA ILE A 640 5.11 -45.35 -14.09
C ILE A 640 4.84 -44.04 -14.83
N ARG A 641 3.59 -43.82 -15.22
CA ARG A 641 3.17 -42.60 -15.89
C ARG A 641 2.02 -41.98 -15.12
N LYS A 642 1.92 -40.66 -15.20
CA LYS A 642 0.99 -39.89 -14.38
C LYS A 642 -0.20 -39.40 -15.19
N TYR A 643 -1.20 -38.90 -14.45
CA TYR A 643 -2.43 -38.37 -15.01
C TYR A 643 -2.37 -36.84 -15.02
N ALA A 644 -3.40 -36.22 -15.60
CA ALA A 644 -3.55 -34.76 -15.60
C ALA A 644 -2.31 -34.04 -16.11
N ARG A 689 10.95 -20.69 5.80
CA ARG A 689 11.25 -19.87 6.95
C ARG A 689 12.13 -18.68 6.57
N LYS A 690 12.66 -18.72 5.36
CA LYS A 690 13.55 -17.64 4.91
C LYS A 690 12.79 -16.34 4.70
N VAL A 691 11.57 -16.43 4.16
CA VAL A 691 10.80 -15.22 3.87
C VAL A 691 10.39 -14.49 5.14
N PHE A 692 10.31 -15.19 6.27
CA PHE A 692 10.00 -14.53 7.54
C PHE A 692 11.25 -13.89 8.14
N GLU A 693 12.41 -14.52 7.96
CA GLU A 693 13.65 -13.92 8.45
C GLU A 693 13.99 -12.64 7.69
N ASN A 694 13.65 -12.58 6.39
CA ASN A 694 13.84 -11.35 5.63
C ASN A 694 12.94 -10.24 6.14
N PHE A 695 11.69 -10.58 6.49
CA PHE A 695 10.78 -9.58 7.04
C PHE A 695 11.22 -9.12 8.41
N LEU A 696 11.74 -10.05 9.23
CA LEU A 696 12.22 -9.68 10.56
C LEU A 696 13.50 -8.84 10.48
N HIS A 697 14.35 -9.12 9.48
CA HIS A 697 15.57 -8.34 9.33
C HIS A 697 15.32 -6.99 8.66
N ASN A 698 14.35 -6.91 7.77
CA ASN A 698 14.03 -5.64 7.12
C ASN A 698 13.34 -4.65 8.04
N SER A 699 12.78 -5.13 9.15
CA SER A 699 12.08 -4.27 10.09
C SER A 699 12.90 -3.88 11.30
N ILE A 700 13.81 -4.76 11.75
CA ILE A 700 14.57 -4.48 12.97
C ILE A 700 15.69 -3.50 12.70
N PHE A 701 16.50 -3.76 11.68
CA PHE A 701 17.75 -3.03 11.46
C PHE A 701 17.48 -1.82 10.58
N VAL A 702 17.44 -0.65 11.21
CA VAL A 702 17.28 0.63 10.53
C VAL A 702 18.62 1.35 10.56
N PRO A 703 19.18 1.75 9.41
CA PRO A 703 20.49 2.42 9.42
C PRO A 703 20.37 3.89 9.77
N ARG A 704 21.35 4.37 10.53
CA ARG A 704 21.37 5.78 10.90
C ARG A 704 21.73 6.64 9.70
N PRO A 705 21.18 7.87 9.62
CA PRO A 705 21.43 8.77 8.50
C PRO A 705 22.86 9.29 8.46
N TYR A 725 -4.97 -43.27 -35.10
CA TYR A 725 -6.21 -42.96 -34.39
C TYR A 725 -6.90 -41.73 -34.99
N PRO A 726 -8.22 -41.73 -34.97
CA PRO A 726 -8.97 -40.62 -35.56
C PRO A 726 -9.02 -39.40 -34.64
N PHE A 727 -9.22 -38.25 -35.27
CA PHE A 727 -9.38 -36.98 -34.55
C PHE A 727 -10.86 -36.71 -34.30
N PHE A 728 -11.18 -36.30 -33.08
CA PHE A 728 -12.51 -35.84 -32.72
C PHE A 728 -12.49 -34.32 -32.58
N GLU A 729 -13.52 -33.67 -33.10
CA GLU A 729 -13.51 -32.22 -33.27
C GLU A 729 -14.77 -31.61 -32.66
N SER A 730 -14.59 -30.57 -31.85
CA SER A 730 -15.69 -29.85 -31.24
C SER A 730 -15.36 -28.37 -31.21
N ARG A 731 -16.41 -27.54 -31.17
CA ARG A 731 -16.29 -26.09 -31.22
C ARG A 731 -16.74 -25.50 -29.89
N VAL A 732 -15.87 -24.69 -29.29
CA VAL A 732 -16.19 -23.98 -28.05
C VAL A 732 -16.71 -22.60 -28.43
N ASP A 733 -17.96 -22.31 -28.06
CA ASP A 733 -18.66 -21.14 -28.59
C ASP A 733 -18.14 -19.83 -27.98
N ASN A 734 -17.98 -19.77 -26.66
CA ASN A 734 -17.68 -18.49 -26.03
C ASN A 734 -16.41 -18.53 -25.17
N LYS A 735 -16.39 -19.40 -24.16
CA LYS A 735 -15.32 -19.37 -23.18
C LYS A 735 -14.02 -19.95 -23.74
N GLU A 736 -12.95 -19.79 -22.96
CA GLU A 736 -11.65 -20.39 -23.28
C GLU A 736 -11.40 -21.66 -22.46
N ARG A 737 -12.45 -22.36 -22.07
CA ARG A 737 -12.33 -23.58 -21.28
C ARG A 737 -13.37 -24.58 -21.75
N THR A 738 -13.02 -25.87 -21.69
CA THR A 738 -13.91 -26.92 -22.12
C THR A 738 -13.50 -28.23 -21.45
N VAL A 739 -14.44 -29.17 -21.41
CA VAL A 739 -14.23 -30.48 -20.81
C VAL A 739 -14.58 -31.54 -21.83
N ILE A 740 -13.64 -32.43 -22.11
CA ILE A 740 -13.87 -33.54 -23.05
C ILE A 740 -14.40 -34.73 -22.28
N SER A 741 -15.39 -35.41 -22.85
CA SER A 741 -16.04 -36.54 -22.22
C SER A 741 -15.81 -37.82 -23.03
N ASN A 742 -16.09 -38.95 -22.39
CA ASN A 742 -15.99 -40.27 -23.01
C ASN A 742 -14.57 -40.54 -23.54
N LEU A 743 -13.68 -40.96 -22.65
CA LEU A 743 -12.30 -41.24 -23.03
C LEU A 743 -11.85 -42.55 -22.40
N ARG A 744 -10.85 -43.16 -23.02
CA ARG A 744 -10.26 -44.37 -22.46
C ARG A 744 -9.46 -44.00 -21.21
N PRO A 745 -9.71 -44.62 -20.06
CA PRO A 745 -9.01 -44.23 -18.85
C PRO A 745 -7.52 -44.56 -18.91
N PHE A 746 -6.72 -43.63 -18.41
CA PHE A 746 -5.26 -43.73 -18.40
C PHE A 746 -4.73 -43.98 -19.81
N THR A 747 -5.10 -43.08 -20.71
CA THR A 747 -4.63 -43.10 -22.08
C THR A 747 -4.20 -41.70 -22.48
N LEU A 748 -3.06 -41.60 -23.16
CA LEU A 748 -2.54 -40.30 -23.56
C LEU A 748 -3.37 -39.74 -24.70
N TYR A 749 -3.52 -38.41 -24.70
CA TYR A 749 -4.32 -37.72 -25.70
C TYR A 749 -3.58 -36.48 -26.18
N ARG A 750 -3.59 -36.28 -27.50
CA ARG A 750 -3.10 -35.06 -28.11
C ARG A 750 -4.24 -34.06 -28.20
N ILE A 751 -4.01 -32.84 -27.71
CA ILE A 751 -5.06 -31.82 -27.61
C ILE A 751 -4.68 -30.67 -28.54
N ASP A 752 -5.22 -30.68 -29.76
CA ASP A 752 -5.04 -29.56 -30.68
C ASP A 752 -6.14 -28.53 -30.45
N ILE A 753 -5.74 -27.26 -30.39
CA ILE A 753 -6.67 -26.15 -30.17
C ILE A 753 -6.44 -25.10 -31.23
N HIS A 754 -7.51 -24.73 -31.93
CA HIS A 754 -7.46 -23.70 -32.96
C HIS A 754 -8.29 -22.50 -32.54
N SER A 755 -8.06 -21.37 -33.22
CA SER A 755 -8.73 -20.11 -32.91
C SER A 755 -9.21 -19.47 -34.21
N CYS A 756 -10.51 -19.42 -34.40
CA CYS A 756 -11.09 -18.82 -35.60
C CYS A 756 -11.61 -17.42 -35.29
N ASN A 757 -12.00 -16.71 -36.34
CA ASN A 757 -12.57 -15.38 -36.21
C ASN A 757 -13.78 -15.27 -37.14
N HIS A 758 -14.26 -14.04 -37.33
CA HIS A 758 -15.44 -13.83 -38.16
C HIS A 758 -15.16 -14.09 -39.63
N GLU A 759 -13.91 -13.89 -40.07
CA GLU A 759 -13.52 -14.13 -41.45
C GLU A 759 -12.81 -15.46 -41.65
N ALA A 760 -12.93 -16.37 -40.67
CA ALA A 760 -12.31 -17.69 -40.79
C ALA A 760 -13.08 -18.61 -41.73
N GLU A 761 -14.27 -18.22 -42.18
CA GLU A 761 -15.01 -19.04 -43.13
C GLU A 761 -14.35 -19.01 -44.51
N LYS A 762 -13.73 -17.89 -44.88
CA LYS A 762 -13.00 -17.77 -46.13
C LYS A 762 -11.49 -17.90 -45.95
N LEU A 763 -10.93 -17.19 -44.96
CA LEU A 763 -9.49 -17.26 -44.72
C LEU A 763 -9.08 -18.63 -44.20
N GLY A 764 -9.90 -19.22 -43.34
CA GLY A 764 -9.53 -20.46 -42.68
C GLY A 764 -9.11 -20.21 -41.24
N CYS A 765 -9.42 -21.17 -40.38
CA CYS A 765 -9.10 -21.03 -38.96
C CYS A 765 -7.59 -21.09 -38.76
N SER A 766 -7.16 -20.69 -37.55
CA SER A 766 -5.75 -20.54 -37.27
C SER A 766 -5.06 -21.89 -37.13
N ALA A 767 -3.77 -21.85 -36.79
CA ALA A 767 -2.99 -23.05 -36.55
C ALA A 767 -3.31 -23.60 -35.16
N SER A 768 -2.59 -24.66 -34.77
CA SER A 768 -2.87 -25.38 -33.54
C SER A 768 -1.71 -25.23 -32.56
N ASN A 769 -2.02 -24.83 -31.34
CA ASN A 769 -1.10 -24.90 -30.21
C ASN A 769 -1.52 -26.10 -29.38
N PHE A 770 -0.75 -27.18 -29.46
CA PHE A 770 -1.16 -28.48 -28.96
C PHE A 770 -0.44 -28.85 -27.67
N VAL A 771 -1.07 -29.75 -26.91
CA VAL A 771 -0.54 -30.24 -25.64
C VAL A 771 -0.96 -31.69 -25.49
N PHE A 772 -0.26 -32.41 -24.61
CA PHE A 772 -0.52 -33.82 -24.36
C PHE A 772 -0.91 -34.01 -22.90
N ALA A 773 -1.98 -34.78 -22.67
CA ALA A 773 -2.47 -35.04 -21.32
C ALA A 773 -3.01 -36.47 -21.25
N ARG A 774 -2.84 -37.08 -20.09
CA ARG A 774 -3.32 -38.44 -19.83
C ARG A 774 -4.46 -38.40 -18.82
N THR A 775 -5.47 -39.23 -19.04
CA THR A 775 -6.64 -39.25 -18.19
C THR A 775 -6.34 -39.94 -16.86
N MET A 776 -7.33 -39.92 -15.97
CA MET A 776 -7.19 -40.57 -14.67
C MET A 776 -7.29 -42.08 -14.82
N PRO A 777 -6.56 -42.83 -14.00
CA PRO A 777 -6.65 -44.30 -14.07
C PRO A 777 -8.00 -44.79 -13.57
N ALA A 778 -8.54 -45.79 -14.26
CA ALA A 778 -9.79 -46.43 -13.83
C ALA A 778 -9.53 -47.18 -12.53
N GLU A 779 -10.13 -46.72 -11.44
CA GLU A 779 -9.84 -47.28 -10.13
C GLU A 779 -10.40 -48.70 -10.02
N GLY A 780 -9.54 -49.63 -9.61
CA GLY A 780 -9.96 -51.01 -9.45
C GLY A 780 -10.11 -51.78 -10.74
N ALA A 781 -9.63 -51.25 -11.86
CA ALA A 781 -9.73 -51.93 -13.14
C ALA A 781 -8.47 -52.70 -13.51
N ASP A 782 -7.39 -52.54 -12.76
CA ASP A 782 -6.14 -53.25 -13.02
C ASP A 782 -5.87 -54.33 -11.98
N ASP A 783 -6.93 -54.96 -11.46
CA ASP A 783 -6.83 -56.09 -10.55
C ASP A 783 -7.44 -57.31 -11.20
N ILE A 784 -7.24 -58.46 -10.56
CA ILE A 784 -7.66 -59.74 -11.14
C ILE A 784 -9.18 -59.86 -11.07
N PRO A 785 -9.87 -60.12 -12.18
CA PRO A 785 -11.34 -60.12 -12.18
C PRO A 785 -12.00 -61.44 -11.81
N GLY A 786 -11.26 -62.41 -11.28
CA GLY A 786 -11.84 -63.69 -10.93
C GLY A 786 -11.03 -64.45 -9.90
N PRO A 787 -11.48 -65.65 -9.55
CA PRO A 787 -10.75 -66.47 -8.58
C PRO A 787 -9.54 -67.13 -9.21
N VAL A 788 -8.61 -67.51 -8.34
CA VAL A 788 -7.38 -68.19 -8.74
C VAL A 788 -7.56 -69.69 -8.55
N THR A 789 -7.19 -70.46 -9.56
CA THR A 789 -7.25 -71.92 -9.50
C THR A 789 -5.84 -72.48 -9.46
N TRP A 790 -5.73 -73.71 -8.96
CA TRP A 790 -4.45 -74.38 -8.79
C TRP A 790 -4.56 -75.83 -9.23
N GLU A 791 -3.45 -76.36 -9.75
CA GLU A 791 -3.37 -77.73 -10.20
C GLU A 791 -1.98 -78.26 -9.87
N PRO A 792 -1.86 -79.46 -9.30
CA PRO A 792 -0.54 -80.03 -9.04
C PRO A 792 0.17 -80.39 -10.33
N ARG A 793 1.50 -80.31 -10.29
CA ARG A 793 2.37 -80.58 -11.40
C ARG A 793 3.48 -81.52 -10.96
N PRO A 794 4.25 -82.08 -11.90
CA PRO A 794 5.38 -82.94 -11.51
C PRO A 794 6.34 -82.22 -10.58
N GLU A 795 7.23 -83.00 -9.98
CA GLU A 795 8.02 -82.59 -8.82
C GLU A 795 7.03 -82.27 -7.71
N ASN A 796 7.40 -81.38 -6.79
CA ASN A 796 6.47 -80.89 -5.77
C ASN A 796 6.01 -79.47 -6.13
N SER A 797 5.44 -79.35 -7.32
CA SER A 797 5.10 -78.07 -7.90
C SER A 797 3.59 -77.82 -7.82
N ILE A 798 3.23 -76.54 -7.92
CA ILE A 798 1.84 -76.10 -7.95
C ILE A 798 1.70 -75.07 -9.06
N PHE A 799 0.71 -75.27 -9.93
CA PHE A 799 0.49 -74.40 -11.09
C PHE A 799 -0.71 -73.50 -10.78
N LEU A 800 -0.43 -72.24 -10.48
CA LEU A 800 -1.50 -71.27 -10.22
C LEU A 800 -2.03 -70.70 -11.53
N LYS A 801 -3.35 -70.55 -11.60
CA LYS A 801 -4.02 -70.09 -12.80
C LYS A 801 -5.07 -69.07 -12.43
N TRP A 802 -5.00 -67.89 -13.04
CA TRP A 802 -5.91 -66.79 -12.73
C TRP A 802 -6.21 -66.01 -14.00
N PRO A 803 -7.39 -65.40 -14.08
CA PRO A 803 -7.74 -64.62 -15.26
C PRO A 803 -7.01 -63.29 -15.31
N GLU A 804 -6.84 -62.78 -16.52
CA GLU A 804 -6.18 -61.52 -16.86
C GLU A 804 -7.20 -60.38 -16.80
N PRO A 805 -6.80 -59.23 -16.23
CA PRO A 805 -7.69 -58.07 -16.23
C PRO A 805 -8.06 -57.65 -17.65
N GLU A 806 -9.36 -57.55 -17.90
CA GLU A 806 -9.82 -57.24 -19.26
C GLU A 806 -9.42 -55.83 -19.68
N ASN A 807 -9.71 -54.84 -18.83
CA ASN A 807 -9.45 -53.43 -19.14
C ASN A 807 -8.51 -52.87 -18.08
N PRO A 808 -7.21 -53.07 -18.23
CA PRO A 808 -6.26 -52.52 -17.26
C PRO A 808 -5.99 -51.05 -17.50
N ASN A 809 -5.39 -50.42 -16.49
CA ASN A 809 -4.99 -49.02 -16.58
C ASN A 809 -3.72 -48.94 -17.42
N GLY A 810 -3.90 -48.96 -18.73
CA GLY A 810 -2.78 -48.91 -19.65
C GLY A 810 -2.32 -50.29 -20.10
N LEU A 811 -1.58 -50.98 -19.24
CA LEU A 811 -1.03 -52.28 -19.57
C LEU A 811 -0.55 -52.96 -18.29
N ILE A 812 -0.82 -54.25 -18.17
CA ILE A 812 -0.30 -55.04 -17.06
C ILE A 812 1.14 -55.44 -17.38
N LEU A 813 2.08 -55.01 -16.55
CA LEU A 813 3.48 -55.29 -16.80
C LEU A 813 3.94 -56.60 -16.18
N MET A 814 3.50 -56.91 -14.96
CA MET A 814 3.96 -58.10 -14.27
C MET A 814 2.99 -58.43 -13.13
N TYR A 815 3.07 -59.68 -12.68
CA TYR A 815 2.29 -60.15 -11.55
C TYR A 815 3.23 -60.60 -10.43
N GLU A 816 2.74 -60.54 -9.19
CA GLU A 816 3.49 -61.00 -8.03
C GLU A 816 2.65 -61.98 -7.25
N ILE A 817 3.20 -63.16 -6.97
CA ILE A 817 2.54 -64.17 -6.16
C ILE A 817 3.14 -64.15 -4.76
N LYS A 818 2.29 -64.07 -3.75
CA LYS A 818 2.72 -64.02 -2.35
C LYS A 818 2.16 -65.26 -1.66
N TYR A 819 3.02 -66.26 -1.44
CA TYR A 819 2.59 -67.54 -0.91
C TYR A 819 3.48 -67.97 0.25
N GLY A 820 2.96 -68.89 1.05
CA GLY A 820 3.68 -69.39 2.20
C GLY A 820 2.81 -70.39 2.95
N SER A 821 3.47 -71.13 3.85
CA SER A 821 2.79 -72.16 4.63
C SER A 821 1.92 -71.53 5.72
N GLN A 822 2.56 -70.91 6.71
CA GLN A 822 1.86 -70.18 7.75
C GLN A 822 1.87 -68.68 7.51
N VAL A 823 3.01 -68.12 7.12
CA VAL A 823 3.11 -66.74 6.69
C VAL A 823 3.54 -66.74 5.22
N GLU A 824 2.90 -65.89 4.42
CA GLU A 824 3.21 -65.79 3.00
C GLU A 824 4.57 -65.12 2.84
N ASP A 825 5.63 -65.90 3.08
CA ASP A 825 7.00 -65.44 3.02
C ASP A 825 7.56 -65.45 1.60
N GLN A 826 7.46 -66.58 0.90
CA GLN A 826 7.98 -66.68 -0.45
C GLN A 826 7.17 -65.80 -1.40
N ARG A 827 7.87 -65.15 -2.33
CA ARG A 827 7.24 -64.28 -3.32
C ARG A 827 7.80 -64.61 -4.70
N GLU A 828 6.90 -64.73 -5.67
CA GLU A 828 7.23 -65.11 -7.04
C GLU A 828 6.84 -63.99 -7.99
N CYS A 829 7.74 -63.67 -8.91
CA CYS A 829 7.49 -62.64 -9.93
C CYS A 829 7.08 -63.32 -11.24
N VAL A 830 5.95 -62.89 -11.78
CA VAL A 830 5.40 -63.43 -13.02
C VAL A 830 5.37 -62.31 -14.05
N SER A 831 6.17 -62.44 -15.11
CA SER A 831 6.16 -61.44 -16.16
C SER A 831 4.93 -61.60 -17.04
N ARG A 832 4.64 -60.56 -17.82
CA ARG A 832 3.48 -60.59 -18.69
C ARG A 832 3.70 -61.55 -19.87
N GLN A 833 4.93 -61.66 -20.36
CA GLN A 833 5.21 -62.63 -21.42
C GLN A 833 5.04 -64.06 -20.91
N GLU A 834 5.44 -64.31 -19.66
CA GLU A 834 5.25 -65.63 -19.07
C GLU A 834 3.77 -65.95 -18.92
N TYR A 835 2.97 -64.96 -18.53
CA TYR A 835 1.53 -65.18 -18.38
C TYR A 835 0.85 -65.44 -19.72
N ARG A 836 1.34 -64.79 -20.79
CA ARG A 836 0.71 -64.97 -22.09
C ARG A 836 0.89 -66.38 -22.64
N LYS A 837 1.90 -67.11 -22.16
CA LYS A 837 2.15 -68.47 -22.64
C LYS A 837 1.33 -69.50 -21.88
N TYR A 838 1.39 -69.46 -20.54
CA TYR A 838 0.78 -70.49 -19.71
C TYR A 838 -0.53 -70.05 -19.06
N GLY A 839 -0.90 -68.78 -19.16
CA GLY A 839 -2.07 -68.31 -18.45
C GLY A 839 -1.91 -68.27 -16.95
N GLY A 840 -0.70 -68.46 -16.44
CA GLY A 840 -0.48 -68.46 -15.02
C GLY A 840 0.98 -68.63 -14.70
N ALA A 841 1.26 -69.12 -13.49
CA ALA A 841 2.62 -69.36 -13.05
C ALA A 841 2.68 -70.68 -12.30
N LYS A 842 3.85 -71.32 -12.35
CA LYS A 842 4.07 -72.63 -11.73
C LYS A 842 5.07 -72.47 -10.60
N LEU A 843 4.60 -72.54 -9.36
CA LEU A 843 5.49 -72.60 -8.21
C LEU A 843 6.11 -73.98 -8.13
N ASN A 844 7.39 -74.08 -8.48
CA ASN A 844 8.05 -75.37 -8.64
C ASN A 844 8.81 -75.78 -7.38
N ARG A 845 8.72 -77.06 -7.05
CA ARG A 845 9.45 -77.68 -5.95
C ARG A 845 9.20 -76.98 -4.62
N LEU A 846 8.12 -77.34 -3.95
CA LEU A 846 7.76 -76.82 -2.64
C LEU A 846 7.83 -77.94 -1.60
N ASN A 847 8.08 -77.55 -0.36
CA ASN A 847 8.02 -78.51 0.73
C ASN A 847 6.56 -78.86 1.02
N PRO A 848 6.28 -80.10 1.41
CA PRO A 848 4.90 -80.51 1.66
C PRO A 848 4.25 -79.69 2.77
N GLY A 849 2.93 -79.59 2.71
CA GLY A 849 2.17 -78.86 3.72
C GLY A 849 1.07 -78.01 3.14
N ASN A 850 0.27 -77.38 4.00
CA ASN A 850 -0.79 -76.49 3.55
C ASN A 850 -0.22 -75.12 3.20
N TYR A 851 -0.78 -74.50 2.16
CA TYR A 851 -0.28 -73.24 1.65
C TYR A 851 -1.44 -72.29 1.37
N THR A 852 -1.12 -71.00 1.39
CA THR A 852 -2.02 -69.94 0.96
C THR A 852 -1.28 -69.06 -0.04
N ALA A 853 -2.02 -68.50 -1.00
CA ALA A 853 -1.41 -67.72 -2.06
C ALA A 853 -2.25 -66.49 -2.39
N ARG A 854 -1.57 -65.39 -2.69
CA ARG A 854 -2.20 -64.17 -3.15
C ARG A 854 -1.44 -63.62 -4.34
N ILE A 855 -2.17 -63.01 -5.27
CA ILE A 855 -1.61 -62.51 -6.53
C ILE A 855 -2.01 -61.06 -6.69
N GLN A 856 -1.09 -60.26 -7.24
CA GLN A 856 -1.31 -58.83 -7.45
C GLN A 856 -0.79 -58.43 -8.81
N ALA A 857 -1.63 -57.73 -9.57
CA ALA A 857 -1.24 -57.24 -10.89
C ALA A 857 -0.73 -55.81 -10.79
N THR A 858 0.37 -55.54 -11.48
CA THR A 858 0.99 -54.22 -11.49
C THR A 858 0.84 -53.64 -12.89
N SER A 859 0.04 -52.59 -13.01
CA SER A 859 -0.23 -51.94 -14.29
C SER A 859 0.69 -50.72 -14.46
N LEU A 860 0.45 -49.95 -15.51
CA LEU A 860 1.28 -48.79 -15.78
C LEU A 860 1.04 -47.66 -14.78
N SER A 861 -0.20 -47.53 -14.29
CA SER A 861 -0.50 -46.53 -13.28
C SER A 861 -0.05 -46.96 -11.89
N GLY A 862 0.04 -48.26 -11.66
CA GLY A 862 0.41 -48.77 -10.36
C GLY A 862 -0.04 -50.21 -10.22
N ASN A 863 0.03 -50.69 -8.98
CA ASN A 863 -0.38 -52.06 -8.68
C ASN A 863 -1.87 -52.12 -8.37
N GLY A 864 -2.44 -53.30 -8.55
CA GLY A 864 -3.80 -53.57 -8.14
C GLY A 864 -3.86 -54.11 -6.73
N SER A 865 -5.05 -54.58 -6.35
CA SER A 865 -5.26 -55.15 -5.04
C SER A 865 -4.97 -56.65 -5.07
N TRP A 866 -4.53 -57.17 -3.92
CA TRP A 866 -4.27 -58.59 -3.80
C TRP A 866 -5.56 -59.39 -3.91
N THR A 867 -5.48 -60.55 -4.54
CA THR A 867 -6.63 -61.42 -4.68
C THR A 867 -6.98 -62.06 -3.33
N ASP A 868 -8.15 -62.69 -3.28
CA ASP A 868 -8.53 -63.46 -2.11
C ASP A 868 -7.60 -64.66 -1.97
N PRO A 869 -7.21 -65.03 -0.75
CA PRO A 869 -6.26 -66.14 -0.58
C PRO A 869 -6.84 -67.45 -1.10
N VAL A 870 -6.05 -68.14 -1.91
CA VAL A 870 -6.39 -69.47 -2.41
C VAL A 870 -5.56 -70.48 -1.66
N PHE A 871 -6.15 -71.64 -1.38
CA PHE A 871 -5.56 -72.64 -0.51
C PHE A 871 -5.23 -73.89 -1.33
N PHE A 872 -3.96 -74.29 -1.29
CA PHE A 872 -3.52 -75.50 -1.97
C PHE A 872 -2.56 -76.26 -1.07
N TYR A 873 -2.55 -77.58 -1.24
CA TYR A 873 -1.74 -78.47 -0.42
C TYR A 873 -0.74 -79.22 -1.28
N VAL A 874 0.44 -79.46 -0.72
CA VAL A 874 1.49 -80.24 -1.37
C VAL A 874 1.62 -81.54 -0.60
N GLN A 875 1.25 -82.65 -1.23
CA GLN A 875 1.32 -83.95 -0.57
C GLN A 875 2.77 -84.43 -0.48
N ALA A 876 3.10 -85.03 0.66
CA ALA A 876 4.44 -85.60 0.82
C ALA A 876 4.64 -86.84 -0.04
N LYS A 877 3.55 -87.55 -0.34
CA LYS A 877 3.59 -88.73 -1.21
C LYS A 877 2.34 -88.70 -2.06
N THR A 878 2.48 -88.27 -3.33
CA THR A 878 1.35 -88.17 -4.23
C THR A 878 0.71 -89.52 -4.47
N GLY A 879 -0.34 -89.83 -3.72
CA GLY A 879 -1.02 -91.10 -3.84
C GLY A 879 -2.44 -91.01 -3.36
N TYR A 880 -3.09 -92.17 -3.35
CA TYR A 880 -4.49 -92.28 -2.92
C TYR A 880 -4.61 -92.33 -1.40
N THR B 4 27.84 -12.98 0.03
CA THR B 4 26.80 -12.12 0.58
C THR B 4 26.26 -12.70 1.89
N LEU B 5 25.94 -11.83 2.84
CA LEU B 5 25.46 -12.25 4.15
C LEU B 5 23.94 -12.27 4.17
N CYS B 6 23.37 -13.35 4.70
CA CYS B 6 21.93 -13.54 4.71
C CYS B 6 21.51 -14.26 5.98
N GLY B 7 20.32 -13.91 6.48
CA GLY B 7 19.70 -14.67 7.55
C GLY B 7 20.46 -14.58 8.85
N ALA B 8 20.50 -15.71 9.57
CA ALA B 8 21.22 -15.75 10.84
C ALA B 8 22.71 -15.50 10.65
N GLU B 9 23.24 -15.85 9.48
CA GLU B 9 24.63 -15.50 9.16
C GLU B 9 24.82 -13.99 9.09
N LEU B 10 23.78 -13.26 8.70
CA LEU B 10 23.88 -11.80 8.60
C LEU B 10 23.89 -11.16 9.98
N VAL B 11 22.91 -11.49 10.82
CA VAL B 11 22.81 -10.88 12.14
C VAL B 11 24.00 -11.25 13.02
N ASP B 12 24.72 -12.33 12.70
CA ASP B 12 25.95 -12.63 13.41
C ASP B 12 27.03 -11.61 13.07
N ALA B 13 27.16 -11.25 11.80
CA ALA B 13 28.13 -10.23 11.41
C ALA B 13 27.72 -8.85 11.89
N LEU B 14 26.41 -8.58 11.96
CA LEU B 14 25.94 -7.30 12.47
C LEU B 14 26.29 -7.13 13.94
N GLN B 15 26.06 -8.17 14.76
CA GLN B 15 26.45 -8.09 16.17
C GLN B 15 27.96 -8.05 16.33
N PHE B 16 28.70 -8.60 15.37
CA PHE B 16 30.16 -8.56 15.45
C PHE B 16 30.69 -7.17 15.12
N VAL B 17 30.14 -6.54 14.07
CA VAL B 17 30.63 -5.22 13.66
C VAL B 17 30.30 -4.18 14.72
N CYS B 18 29.03 -4.11 15.13
CA CYS B 18 28.65 -3.15 16.17
C CYS B 18 29.28 -3.50 17.51
N GLY B 19 29.28 -4.78 17.86
CA GLY B 19 29.84 -5.18 19.14
C GLY B 19 29.00 -4.64 20.29
N ASP B 20 29.66 -3.91 21.19
CA ASP B 20 28.98 -3.29 22.33
C ASP B 20 28.35 -1.95 21.96
N ARG B 21 28.52 -1.49 20.72
CA ARG B 21 27.99 -0.18 20.33
C ARG B 21 26.47 -0.22 20.18
N GLY B 22 25.92 -1.35 19.72
CA GLY B 22 24.48 -1.49 19.59
C GLY B 22 24.00 -1.20 18.18
N PHE B 23 22.68 -1.15 18.07
CA PHE B 23 21.98 -0.92 16.80
C PHE B 23 21.01 0.24 16.97
N TYR B 24 20.99 1.12 15.97
CA TYR B 24 20.11 2.28 16.00
C TYR B 24 18.72 1.92 15.51
N PHE B 25 17.71 2.60 16.05
CA PHE B 25 16.33 2.38 15.66
C PHE B 25 15.53 3.65 15.92
N ASN B 26 14.58 3.94 15.04
CA ASN B 26 13.73 5.10 15.19
C ASN B 26 12.46 4.96 14.35
N PRO B 39 7.79 0.84 2.29
CA PRO B 39 9.21 1.10 2.54
C PRO B 39 9.92 -0.09 3.17
N GLN B 40 9.63 -1.30 2.69
CA GLN B 40 10.26 -2.52 3.18
C GLN B 40 11.46 -2.93 2.31
N THR B 41 12.25 -1.96 1.87
CA THR B 41 13.49 -2.25 1.15
C THR B 41 14.66 -2.17 2.12
N GLY B 42 14.68 -3.15 3.03
CA GLY B 42 15.60 -3.14 4.16
C GLY B 42 16.98 -3.67 3.85
N ILE B 43 17.61 -4.22 4.89
CA ILE B 43 19.01 -4.65 4.78
C ILE B 43 19.13 -5.93 3.96
N VAL B 44 18.10 -6.79 3.99
CA VAL B 44 18.13 -8.00 3.19
C VAL B 44 18.17 -7.66 1.70
N ASP B 45 17.38 -6.67 1.28
CA ASP B 45 17.42 -6.16 -0.07
C ASP B 45 18.64 -5.27 -0.34
N GLU B 46 19.64 -5.32 0.54
CA GLU B 46 20.83 -4.49 0.41
C GLU B 46 22.09 -5.31 0.63
N CYS B 47 22.14 -6.09 1.71
CA CYS B 47 23.30 -6.88 2.04
C CYS B 47 23.12 -8.37 1.75
N CYS B 48 21.90 -8.82 1.50
CA CYS B 48 21.64 -10.21 1.16
C CYS B 48 21.30 -10.40 -0.32
N PHE B 49 20.39 -9.59 -0.86
CA PHE B 49 20.11 -9.64 -2.30
C PHE B 49 21.33 -9.24 -3.11
N ARG B 50 22.05 -8.21 -2.66
CA ARG B 50 23.25 -7.75 -3.31
C ARG B 50 24.41 -7.74 -2.32
N SER B 51 25.62 -7.75 -2.85
CA SER B 51 26.82 -7.78 -2.01
C SER B 51 27.08 -6.40 -1.42
N CYS B 52 27.22 -6.34 -0.10
CA CYS B 52 27.53 -5.11 0.61
C CYS B 52 28.80 -5.29 1.43
N ASP B 53 29.58 -4.22 1.52
CA ASP B 53 30.80 -4.24 2.31
C ASP B 53 30.50 -3.91 3.77
N LEU B 54 31.52 -4.07 4.61
CA LEU B 54 31.35 -3.88 6.05
C LEU B 54 31.12 -2.43 6.42
N ARG B 55 31.49 -1.48 5.54
CA ARG B 55 31.19 -0.07 5.81
C ARG B 55 29.68 0.18 5.76
N ARG B 56 28.98 -0.49 4.84
CA ARG B 56 27.53 -0.38 4.80
C ARG B 56 26.89 -1.03 6.03
N LEU B 57 27.47 -2.13 6.50
CA LEU B 57 26.95 -2.79 7.70
C LEU B 57 27.09 -1.91 8.92
N GLU B 58 28.25 -1.26 9.08
CA GLU B 58 28.50 -0.45 10.26
C GLU B 58 27.51 0.70 10.39
N MET B 59 26.99 1.19 9.27
CA MET B 59 25.99 2.26 9.32
C MET B 59 24.65 1.80 9.86
N TYR B 60 24.46 0.50 10.08
CA TYR B 60 23.27 -0.02 10.73
C TYR B 60 23.41 -0.05 12.25
N CYS B 61 24.58 0.27 12.78
CA CYS B 61 24.81 0.25 14.22
C CYS B 61 24.27 1.54 14.85
N ALA B 62 24.62 1.76 16.11
CA ALA B 62 24.27 2.95 16.86
C ALA B 62 25.38 3.98 16.74
N PRO B 63 25.16 5.21 17.25
CA PRO B 63 26.30 6.16 17.28
C PRO B 63 27.38 5.72 18.25
N GLN C 3 -5.93 23.82 39.20
CA GLN C 3 -4.58 23.76 39.73
C GLN C 3 -3.56 23.57 38.61
N VAL C 4 -4.01 23.78 37.37
CA VAL C 4 -3.11 23.68 36.22
C VAL C 4 -2.11 24.83 36.24
N GLN C 5 -0.86 24.55 35.91
CA GLN C 5 0.18 25.55 35.94
C GLN C 5 1.33 25.12 35.05
N LEU C 6 1.95 26.10 34.38
CA LEU C 6 3.11 25.87 33.53
C LEU C 6 4.22 26.80 33.98
N GLN C 7 5.35 26.22 34.38
CA GLN C 7 6.51 26.98 34.84
C GLN C 7 7.64 26.84 33.82
N GLN C 8 8.07 27.96 33.27
CA GLN C 8 9.14 28.01 32.30
C GLN C 8 10.45 28.40 32.97
N SER C 9 11.53 28.32 32.18
CA SER C 9 12.85 28.62 32.70
C SER C 9 13.02 30.12 32.95
N GLY C 10 14.16 30.48 33.52
CA GLY C 10 14.47 31.86 33.79
C GLY C 10 14.93 32.60 32.56
N PRO C 11 15.08 33.92 32.70
CA PRO C 11 15.54 34.73 31.57
C PRO C 11 16.95 34.36 31.14
N ASP C 12 17.21 34.46 29.84
CA ASP C 12 18.50 34.12 29.27
C ASP C 12 19.03 35.27 28.44
N VAL C 13 20.35 35.47 28.49
CA VAL C 13 21.04 36.46 27.67
C VAL C 13 22.30 35.80 27.12
N VAL C 14 22.36 35.65 25.79
CA VAL C 14 23.45 34.93 25.14
C VAL C 14 23.90 35.70 23.91
N ARG C 15 25.13 35.42 23.49
CA ARG C 15 25.71 36.05 22.32
C ARG C 15 25.20 35.37 21.04
N PRO C 16 25.24 36.08 19.91
CA PRO C 16 24.68 35.51 18.68
C PRO C 16 25.46 34.28 18.22
N GLY C 17 24.76 33.39 17.53
CA GLY C 17 25.36 32.19 16.98
C GLY C 17 25.35 30.98 17.88
N VAL C 18 24.87 31.12 19.11
CA VAL C 18 24.85 30.02 20.07
C VAL C 18 23.44 29.45 20.12
N SER C 19 23.32 28.24 20.67
CA SER C 19 22.05 27.56 20.83
C SER C 19 21.56 27.66 22.27
N VAL C 20 20.24 27.57 22.44
CA VAL C 20 19.61 27.64 23.75
C VAL C 20 18.29 26.89 23.69
N LYS C 21 17.85 26.40 24.85
CA LYS C 21 16.57 25.74 24.98
C LYS C 21 15.84 26.27 26.20
N ILE C 22 14.51 26.17 26.17
CA ILE C 22 13.65 26.71 27.21
C ILE C 22 12.80 25.57 27.77
N SER C 23 12.86 25.39 29.09
CA SER C 23 12.09 24.35 29.74
C SER C 23 10.68 24.85 30.07
N CYS C 24 9.76 23.90 30.29
CA CYS C 24 8.39 24.23 30.65
C CYS C 24 7.78 23.00 31.32
N LYS C 25 7.68 23.05 32.65
CA LYS C 25 7.16 21.92 33.42
C LYS C 25 5.67 22.12 33.67
N GLY C 26 4.89 21.06 33.47
CA GLY C 26 3.46 21.08 33.70
C GLY C 26 3.09 20.46 35.03
N SER C 27 1.96 20.90 35.59
CA SER C 27 1.48 20.38 36.86
C SER C 27 0.00 20.68 36.98
N GLY C 28 -0.67 19.95 37.87
CA GLY C 28 -2.09 20.10 38.07
C GLY C 28 -2.96 19.48 37.01
N TYR C 29 -2.38 18.79 36.03
CA TYR C 29 -3.15 18.17 34.97
C TYR C 29 -2.37 16.98 34.43
N THR C 30 -3.07 16.09 33.74
CA THR C 30 -2.44 14.94 33.10
C THR C 30 -1.53 15.43 31.97
N PHE C 31 -0.22 15.35 32.19
CA PHE C 31 0.73 15.93 31.23
C PHE C 31 0.68 15.23 29.88
N THR C 32 0.33 13.95 29.86
CA THR C 32 0.30 13.20 28.61
C THR C 32 -1.00 13.37 27.83
N ASP C 33 -2.02 14.00 28.42
CA ASP C 33 -3.31 14.14 27.76
C ASP C 33 -3.46 15.43 26.96
N TYR C 34 -2.49 16.34 27.03
CA TYR C 34 -2.61 17.63 26.37
C TYR C 34 -1.34 17.95 25.61
N ALA C 35 -1.50 18.53 24.43
CA ALA C 35 -0.39 18.99 23.63
C ALA C 35 0.13 20.33 24.14
N ILE C 36 1.37 20.65 23.77
CA ILE C 36 2.05 21.85 24.25
C ILE C 36 2.40 22.71 23.04
N HIS C 37 1.95 23.96 23.07
CA HIS C 37 2.25 24.94 22.04
C HIS C 37 3.42 25.81 22.46
N TRP C 38 4.00 26.52 21.48
CA TRP C 38 5.05 27.49 21.74
C TRP C 38 4.76 28.74 20.91
N VAL C 39 4.83 29.90 21.55
CA VAL C 39 4.48 31.17 20.92
C VAL C 39 5.62 32.16 21.16
N LYS C 40 5.98 32.89 20.10
CA LYS C 40 7.03 33.89 20.17
C LYS C 40 6.41 35.29 20.15
N GLN C 41 6.92 36.17 21.02
CA GLN C 41 6.44 37.55 21.12
C GLN C 41 7.68 38.45 21.06
N SER C 42 8.13 38.74 19.83
CA SER C 42 9.29 39.62 19.66
C SER C 42 8.99 41.01 20.20
N HIS C 43 7.83 41.55 19.87
CA HIS C 43 7.33 42.79 20.46
C HIS C 43 5.87 42.59 20.83
N ALA C 44 5.31 43.57 21.54
CA ALA C 44 3.94 43.47 22.03
C ALA C 44 2.92 43.35 20.91
N LYS C 45 3.31 43.61 19.66
CA LYS C 45 2.38 43.62 18.54
C LYS C 45 2.28 42.27 17.85
N SER C 46 3.40 41.55 17.70
CA SER C 46 3.44 40.32 16.92
C SER C 46 3.48 39.12 17.86
N LEU C 47 2.41 38.31 17.83
CA LEU C 47 2.38 37.01 18.48
C LEU C 47 2.51 35.95 17.40
N GLU C 48 3.60 35.18 17.45
CA GLU C 48 3.94 34.21 16.41
C GLU C 48 3.89 32.80 16.99
N TRP C 49 2.89 32.03 16.58
CA TRP C 49 2.88 30.60 16.89
C TRP C 49 3.98 29.91 16.12
N ILE C 50 4.76 29.07 16.81
CA ILE C 50 5.95 28.46 16.21
C ILE C 50 5.93 26.95 16.22
N GLY C 51 4.97 26.30 16.87
CA GLY C 51 4.92 24.86 16.81
C GLY C 51 4.12 24.27 17.95
N VAL C 52 3.68 23.02 17.74
CA VAL C 52 3.00 22.22 18.74
C VAL C 52 3.72 20.89 18.86
N ILE C 53 3.71 20.32 20.06
CA ILE C 53 4.19 18.97 20.30
C ILE C 53 3.10 18.19 21.02
N SER C 54 2.89 16.95 20.60
CA SER C 54 1.92 16.07 21.23
C SER C 54 2.61 15.24 22.29
N THR C 55 2.25 15.44 23.55
CA THR C 55 2.90 14.76 24.66
C THR C 55 2.63 13.25 24.65
N TYR C 56 1.59 12.80 23.95
CA TYR C 56 1.28 11.38 23.93
C TYR C 56 2.29 10.61 23.09
N ASN C 57 2.38 10.93 21.80
CA ASN C 57 3.25 10.19 20.89
C ASN C 57 4.61 10.84 20.68
N GLY C 58 4.76 12.12 20.98
CA GLY C 58 6.03 12.80 20.81
C GLY C 58 6.22 13.46 19.47
N ASN C 59 5.22 13.44 18.59
CA ASN C 59 5.34 14.08 17.29
C ASN C 59 5.12 15.58 17.40
N THR C 60 5.52 16.30 16.36
CA THR C 60 5.49 17.75 16.37
C THR C 60 4.93 18.26 15.04
N LYS C 61 4.51 19.53 15.06
CA LYS C 61 4.17 20.25 13.84
C LYS C 61 4.62 21.70 14.01
N TYR C 62 5.51 22.14 13.12
CA TYR C 62 6.14 23.44 13.25
C TYR C 62 5.53 24.46 12.29
N ASN C 63 5.80 25.73 12.58
CA ASN C 63 5.55 26.80 11.63
C ASN C 63 6.70 26.84 10.63
N GLN C 64 6.36 27.05 9.35
CA GLN C 64 7.39 27.01 8.31
C GLN C 64 8.47 28.04 8.54
N LYS C 65 8.12 29.19 9.14
CA LYS C 65 9.11 30.22 9.39
C LYS C 65 10.04 29.89 10.55
N PHE C 66 9.82 28.77 11.24
CA PHE C 66 10.64 28.37 12.39
C PHE C 66 11.10 26.93 12.31
N LYS C 67 10.93 26.26 11.17
CA LYS C 67 11.32 24.86 11.07
C LYS C 67 12.83 24.69 11.18
N GLY C 68 13.58 25.42 10.34
CA GLY C 68 15.02 25.37 10.42
C GLY C 68 15.64 26.13 11.58
N LYS C 69 14.82 26.66 12.48
CA LYS C 69 15.29 27.44 13.62
C LYS C 69 14.95 26.80 14.95
N ALA C 70 13.73 26.29 15.12
CA ALA C 70 13.26 25.76 16.39
C ALA C 70 13.27 24.24 16.39
N ALA C 71 13.19 23.67 17.59
CA ALA C 71 13.13 22.22 17.77
C ALA C 71 12.44 21.95 19.10
N ILE C 72 11.25 21.37 19.04
CA ILE C 72 10.43 21.14 20.23
C ILE C 72 10.55 19.69 20.65
N THR C 73 10.90 19.45 21.90
CA THR C 73 11.00 18.12 22.48
C THR C 73 10.16 18.04 23.74
N VAL C 74 10.02 16.81 24.26
CA VAL C 74 9.18 16.56 25.43
C VAL C 74 9.89 15.56 26.33
N ASP C 75 9.49 15.55 27.60
CA ASP C 75 10.01 14.61 28.60
C ASP C 75 8.81 14.11 29.39
N LYS C 76 8.32 12.92 29.02
CA LYS C 76 7.10 12.39 29.63
C LYS C 76 7.27 12.20 31.14
N SER C 77 8.40 11.63 31.56
CA SER C 77 8.61 11.37 32.98
C SER C 77 8.74 12.65 33.77
N SER C 78 9.53 13.61 33.27
CA SER C 78 9.73 14.88 33.95
C SER C 78 8.58 15.85 33.74
N SER C 79 7.64 15.54 32.84
CA SER C 79 6.52 16.42 32.53
C SER C 79 7.02 17.81 32.12
N THR C 80 7.98 17.83 31.20
CA THR C 80 8.63 19.06 30.78
C THR C 80 8.85 19.04 29.27
N ALA C 81 8.51 20.14 28.61
CA ALA C 81 8.80 20.34 27.20
C ALA C 81 9.98 21.28 27.04
N TYR C 82 10.59 21.24 25.87
CA TYR C 82 11.78 22.05 25.60
C TYR C 82 11.68 22.66 24.21
N LEU C 83 12.12 23.91 24.08
CA LEU C 83 12.11 24.65 22.82
C LEU C 83 13.54 25.06 22.51
N GLU C 84 14.21 24.31 21.64
CA GLU C 84 15.59 24.60 21.27
C GLU C 84 15.64 25.60 20.13
N LEU C 85 16.62 26.51 20.19
CA LEU C 85 16.80 27.54 19.17
C LEU C 85 18.29 27.67 18.90
N ALA C 86 18.70 27.32 17.67
CA ALA C 86 20.10 27.38 17.28
C ALA C 86 20.37 28.64 16.44
N ARG C 87 21.66 28.91 16.24
CA ARG C 87 22.17 30.06 15.49
C ARG C 87 21.34 31.33 15.76
N LEU C 88 21.27 31.67 17.04
CA LEU C 88 20.46 32.82 17.47
C LEU C 88 21.01 34.12 16.88
N THR C 89 20.09 34.96 16.42
CA THR C 89 20.41 36.28 15.92
C THR C 89 19.61 37.32 16.70
N SER C 90 19.89 38.60 16.42
CA SER C 90 19.23 39.69 17.13
C SER C 90 17.73 39.69 16.92
N GLU C 91 17.24 39.09 15.84
CA GLU C 91 15.81 39.08 15.59
C GLU C 91 15.08 38.09 16.50
N ASP C 92 15.76 37.04 16.94
CA ASP C 92 15.14 36.05 17.81
C ASP C 92 15.05 36.51 19.26
N SER C 93 15.61 37.67 19.61
CA SER C 93 15.47 38.22 20.94
C SER C 93 14.02 38.51 21.23
N ALA C 94 13.35 37.63 21.98
CA ALA C 94 11.90 37.72 22.16
C ALA C 94 11.54 37.12 23.51
N ILE C 95 10.23 37.06 23.76
CA ILE C 95 9.67 36.40 24.93
C ILE C 95 8.86 35.21 24.43
N TYR C 96 9.29 34.01 24.78
CA TYR C 96 8.65 32.79 24.32
C TYR C 96 7.71 32.24 25.39
N TYR C 97 6.53 31.81 24.97
CA TYR C 97 5.49 31.36 25.87
C TYR C 97 5.22 29.87 25.68
N CYS C 98 4.82 29.22 26.78
CA CYS C 98 4.47 27.81 26.79
C CYS C 98 2.97 27.69 27.02
N ALA C 99 2.26 27.12 26.04
CA ALA C 99 0.80 27.04 26.07
C ALA C 99 0.36 25.59 25.97
N SER C 100 -0.58 25.20 26.82
CA SER C 100 -1.10 23.83 26.82
C SER C 100 -2.47 23.84 27.48
N TYR C 101 -2.87 22.69 28.03
CA TYR C 101 -4.18 22.49 28.66
C TYR C 101 -5.32 22.83 27.70
N GLY C 102 -5.08 22.69 26.41
CA GLY C 102 -6.11 22.91 25.41
C GLY C 102 -6.13 21.82 24.37
N ASP C 103 -5.78 22.16 23.13
CA ASP C 103 -5.69 21.21 22.04
C ASP C 103 -4.89 21.85 20.92
N LEU C 104 -4.92 21.23 19.73
CA LEU C 104 -4.24 21.79 18.57
C LEU C 104 -4.93 23.03 18.04
N TYR C 105 -6.03 23.46 18.65
CA TYR C 105 -6.83 24.58 18.16
C TYR C 105 -6.78 25.79 19.08
N VAL C 106 -7.04 25.62 20.36
CA VAL C 106 -7.01 26.71 21.32
C VAL C 106 -5.87 26.48 22.30
N MET C 107 -5.42 27.57 22.93
CA MET C 107 -4.36 27.55 23.92
C MET C 107 -4.94 28.13 25.21
N ASP C 108 -5.51 27.26 26.05
CA ASP C 108 -6.24 27.70 27.22
C ASP C 108 -5.32 28.39 28.23
N TYR C 109 -4.27 27.69 28.67
CA TYR C 109 -3.37 28.21 29.68
C TYR C 109 -1.99 28.46 29.09
N TRP C 110 -1.33 29.50 29.58
CA TRP C 110 -0.03 29.92 29.09
C TRP C 110 0.97 29.98 30.23
N GLY C 111 2.23 29.69 29.93
CA GLY C 111 3.29 29.86 30.89
C GLY C 111 3.64 31.32 31.09
N GLN C 112 4.41 31.58 32.16
CA GLN C 112 4.75 32.96 32.50
C GLN C 112 5.66 33.60 31.47
N GLY C 113 6.33 32.81 30.63
CA GLY C 113 7.16 33.36 29.59
C GLY C 113 8.64 33.32 29.93
N THR C 114 9.47 33.24 28.90
CA THR C 114 10.92 33.20 29.05
C THR C 114 11.54 34.26 28.14
N SER C 115 12.25 35.20 28.74
CA SER C 115 12.87 36.30 28.00
C SER C 115 14.23 35.86 27.48
N VAL C 116 14.39 35.88 26.15
CA VAL C 116 15.66 35.57 25.50
C VAL C 116 16.18 36.86 24.88
N THR C 117 17.42 37.22 25.22
CA THR C 117 18.04 38.43 24.74
C THR C 117 19.36 38.09 24.06
N VAL C 118 19.54 38.56 22.84
CA VAL C 118 20.75 38.32 22.06
C VAL C 118 21.56 39.61 22.08
N SER C 119 22.67 39.61 22.83
CA SER C 119 23.49 40.79 23.03
C SER C 119 24.77 40.71 22.21
N SER C 120 25.24 41.87 21.76
CA SER C 120 26.45 41.95 20.95
C SER C 120 27.68 41.51 21.76
N ASP D 2 -0.13 31.71 3.92
CA ASP D 2 -0.76 31.65 5.23
C ASP D 2 -2.06 32.45 5.26
N ILE D 3 -2.49 32.80 6.47
CA ILE D 3 -3.69 33.59 6.69
C ILE D 3 -3.36 34.69 7.70
N VAL D 4 -3.76 35.92 7.39
CA VAL D 4 -3.44 37.08 8.20
C VAL D 4 -4.69 37.57 8.91
N LEU D 5 -4.51 38.01 10.16
CA LEU D 5 -5.58 38.58 10.97
C LEU D 5 -5.31 40.05 11.20
N THR D 6 -6.28 40.89 10.85
CA THR D 6 -6.18 42.34 11.02
C THR D 6 -7.25 42.80 11.98
N GLN D 7 -6.81 43.33 13.13
CA GLN D 7 -7.74 43.87 14.12
C GLN D 7 -7.90 45.36 13.91
N SER D 8 -9.15 45.81 13.79
CA SER D 8 -9.40 47.16 13.24
C SER D 8 -8.92 48.26 14.18
N PRO D 9 -9.42 48.38 15.43
CA PRO D 9 -8.96 49.47 16.29
C PRO D 9 -7.58 49.16 16.86
N ALA D 10 -6.58 49.94 16.45
CA ALA D 10 -5.24 49.75 16.98
C ALA D 10 -5.18 50.04 18.47
N THR D 11 -5.69 51.20 18.89
CA THR D 11 -5.81 51.56 20.29
C THR D 11 -7.18 52.16 20.53
N LEU D 12 -7.71 51.91 21.72
CA LEU D 12 -9.03 52.39 22.13
C LEU D 12 -8.91 53.06 23.49
N SER D 13 -9.02 54.39 23.51
CA SER D 13 -9.03 55.13 24.76
C SER D 13 -10.42 55.04 25.38
N VAL D 14 -10.54 54.28 26.46
CA VAL D 14 -11.82 54.01 27.10
C VAL D 14 -11.71 54.34 28.58
N THR D 15 -12.79 54.90 29.14
CA THR D 15 -12.93 55.10 30.56
C THR D 15 -13.75 53.97 31.18
N PRO D 16 -13.47 53.60 32.42
CA PRO D 16 -14.20 52.49 33.04
C PRO D 16 -15.70 52.76 33.10
N GLY D 17 -16.47 51.70 32.87
CA GLY D 17 -17.93 51.78 32.83
C GLY D 17 -18.52 51.83 31.44
N ASP D 18 -17.71 52.17 30.43
CA ASP D 18 -18.20 52.26 29.07
C ASP D 18 -18.35 50.87 28.45
N SER D 19 -19.01 50.84 27.29
CA SER D 19 -19.17 49.63 26.49
C SER D 19 -18.40 49.80 25.19
N VAL D 20 -17.50 48.86 24.91
CA VAL D 20 -16.65 48.92 23.73
C VAL D 20 -16.77 47.60 22.97
N SER D 21 -16.43 47.65 21.69
CA SER D 21 -16.48 46.48 20.82
C SER D 21 -15.24 46.45 19.94
N LEU D 22 -14.52 45.34 19.97
CA LEU D 22 -13.32 45.14 19.17
C LEU D 22 -13.64 44.34 17.92
N SER D 23 -12.81 44.51 16.90
CA SER D 23 -13.01 43.85 15.61
C SER D 23 -11.73 43.12 15.20
N CYS D 24 -11.90 42.04 14.45
CA CYS D 24 -10.78 41.24 13.96
C CYS D 24 -11.23 40.53 12.69
N ARG D 25 -10.68 40.94 11.56
CA ARG D 25 -11.07 40.41 10.25
C ARG D 25 -9.95 39.56 9.68
N ALA D 26 -10.34 38.53 8.94
CA ALA D 26 -9.40 37.57 8.37
C ALA D 26 -9.41 37.64 6.85
N SER D 27 -8.29 37.21 6.25
CA SER D 27 -8.21 37.16 4.80
C SER D 27 -9.06 36.03 4.24
N GLN D 28 -8.79 34.80 4.67
CA GLN D 28 -9.57 33.65 4.23
C GLN D 28 -10.82 33.49 5.07
N THR D 29 -11.76 32.71 4.55
CA THR D 29 -13.04 32.52 5.23
C THR D 29 -12.92 31.44 6.30
N ILE D 30 -13.37 31.76 7.51
CA ILE D 30 -13.20 30.89 8.66
C ILE D 30 -14.54 30.87 9.42
N SER D 31 -15.21 29.71 9.43
CA SER D 31 -16.56 29.64 9.98
C SER D 31 -16.57 30.00 11.45
N ASN D 32 -15.73 29.34 12.24
CA ASN D 32 -15.45 29.76 13.60
C ASN D 32 -13.94 29.85 13.76
N ASN D 33 -13.36 29.07 14.67
CA ASN D 33 -11.91 28.93 14.79
C ASN D 33 -11.20 30.26 15.01
N LEU D 34 -11.88 31.24 15.60
CA LEU D 34 -11.26 32.47 16.05
C LEU D 34 -11.37 32.55 17.56
N HIS D 35 -10.23 32.74 18.22
CA HIS D 35 -10.14 32.67 19.67
C HIS D 35 -9.50 33.93 20.21
N TRP D 36 -10.11 34.53 21.22
CA TRP D 36 -9.67 35.79 21.78
C TRP D 36 -8.81 35.57 23.02
N TYR D 37 -7.82 36.45 23.19
CA TYR D 37 -6.89 36.36 24.29
C TYR D 37 -6.68 37.72 24.92
N GLN D 38 -6.78 37.78 26.25
CA GLN D 38 -6.49 38.99 27.00
C GLN D 38 -5.10 38.89 27.59
N GLN D 39 -4.29 39.93 27.41
CA GLN D 39 -2.94 39.98 27.96
C GLN D 39 -2.72 41.36 28.58
N LYS D 40 -2.72 41.43 29.90
CA LYS D 40 -2.36 42.68 30.56
C LYS D 40 -0.86 42.90 30.48
N SER D 41 -0.44 44.07 30.97
CA SER D 41 0.97 44.42 30.92
C SER D 41 1.78 43.54 31.87
N HIS D 42 2.91 43.04 31.37
CA HIS D 42 3.85 42.24 32.16
C HIS D 42 3.21 40.95 32.66
N GLU D 43 2.53 40.24 31.77
CA GLU D 43 1.86 38.99 32.11
C GLU D 43 1.95 38.05 30.92
N SER D 44 1.09 37.02 30.92
CA SER D 44 0.92 36.10 29.81
C SER D 44 -0.53 36.13 29.34
N PRO D 45 -0.77 35.98 28.04
CA PRO D 45 -2.14 36.11 27.53
C PRO D 45 -3.04 35.03 28.08
N ARG D 46 -4.29 35.40 28.34
CA ARG D 46 -5.30 34.51 28.90
C ARG D 46 -6.46 34.39 27.93
N LEU D 47 -6.93 33.16 27.74
CA LEU D 47 -8.03 32.91 26.81
C LEU D 47 -9.32 33.54 27.31
N LEU D 48 -10.07 34.16 26.39
CA LEU D 48 -11.33 34.80 26.71
C LEU D 48 -12.53 34.11 26.08
N ILE D 49 -12.50 33.92 24.77
CA ILE D 49 -13.64 33.34 24.03
C ILE D 49 -13.10 32.22 23.14
N LYS D 50 -13.74 31.06 23.22
CA LYS D 50 -13.44 29.95 22.33
C LYS D 50 -14.35 29.99 21.11
N TYR D 51 -13.79 29.69 19.95
CA TYR D 51 -14.53 29.53 18.70
C TYR D 51 -15.52 30.67 18.47
N ALA D 52 -15.00 31.90 18.54
CA ALA D 52 -15.71 33.12 18.17
C ALA D 52 -16.85 33.48 19.12
N SER D 53 -17.52 32.51 19.72
CA SER D 53 -18.72 32.82 20.50
C SER D 53 -18.70 32.20 21.89
N GLN D 54 -18.55 30.88 21.99
CA GLN D 54 -18.67 30.21 23.29
C GLN D 54 -17.58 30.68 24.24
N SER D 55 -17.97 30.88 25.50
CA SER D 55 -17.10 31.48 26.50
C SER D 55 -16.36 30.40 27.29
N ILE D 56 -15.54 30.84 28.25
CA ILE D 56 -14.74 29.96 29.08
C ILE D 56 -15.16 30.15 30.53
N SER D 57 -15.28 29.05 31.27
CA SER D 57 -15.56 29.14 32.70
C SER D 57 -14.39 29.80 33.40
N GLY D 58 -14.66 30.98 33.98
CA GLY D 58 -13.61 31.72 34.66
C GLY D 58 -13.61 33.19 34.29
N ILE D 59 -13.72 33.48 33.00
CA ILE D 59 -13.77 34.86 32.52
C ILE D 59 -15.13 35.45 32.87
N PRO D 60 -15.22 36.73 33.20
CA PRO D 60 -16.50 37.32 33.60
C PRO D 60 -17.49 37.38 32.44
N SER D 61 -18.76 37.51 32.80
CA SER D 61 -19.83 37.61 31.81
C SER D 61 -19.78 38.90 31.01
N ARG D 62 -18.87 39.81 31.34
CA ARG D 62 -18.77 41.07 30.60
C ARG D 62 -18.29 40.85 29.18
N PHE D 63 -17.41 39.88 28.97
CA PHE D 63 -16.88 39.59 27.65
C PHE D 63 -17.86 38.75 26.85
N SER D 64 -17.92 38.99 25.55
CA SER D 64 -18.81 38.24 24.66
C SER D 64 -18.29 38.36 23.24
N GLY D 65 -18.25 37.24 22.53
CA GLY D 65 -17.78 37.23 21.16
C GLY D 65 -18.91 37.02 20.17
N SER D 66 -18.66 37.34 18.89
CA SER D 66 -19.67 37.20 17.85
C SER D 66 -18.95 37.14 16.50
N GLY D 67 -19.75 36.99 15.45
CA GLY D 67 -19.23 36.99 14.10
C GLY D 67 -19.09 35.58 13.53
N SER D 68 -19.03 35.51 12.21
CA SER D 68 -18.86 34.24 11.49
C SER D 68 -18.28 34.55 10.13
N GLY D 69 -17.33 33.72 9.71
CA GLY D 69 -16.70 33.89 8.41
C GLY D 69 -15.46 34.76 8.50
N THR D 70 -15.49 35.90 7.82
CA THR D 70 -14.35 36.80 7.78
C THR D 70 -14.48 38.00 8.71
N ASP D 71 -15.62 38.17 9.36
CA ASP D 71 -15.85 39.27 10.30
C ASP D 71 -16.13 38.71 11.68
N PHE D 72 -15.41 39.21 12.69
CA PHE D 72 -15.59 38.76 14.06
C PHE D 72 -15.57 39.96 15.00
N THR D 73 -16.24 39.80 16.13
CA THR D 73 -16.43 40.89 17.09
C THR D 73 -16.19 40.39 18.50
N LEU D 74 -15.50 41.20 19.30
CA LEU D 74 -15.38 40.99 20.73
C LEU D 74 -15.94 42.21 21.45
N SER D 75 -16.88 41.98 22.35
CA SER D 75 -17.61 43.07 23.01
C SER D 75 -17.44 42.96 24.52
N ILE D 76 -16.87 43.99 25.12
CA ILE D 76 -16.81 44.13 26.57
C ILE D 76 -17.97 45.02 26.98
N ASN D 77 -19.01 44.40 27.55
CA ASN D 77 -20.25 45.14 27.81
C ASN D 77 -20.06 46.19 28.89
N SER D 78 -19.28 45.88 29.93
CA SER D 78 -19.02 46.79 31.04
C SER D 78 -17.52 46.81 31.29
N VAL D 79 -16.81 47.74 30.64
CA VAL D 79 -15.37 47.84 30.80
C VAL D 79 -15.06 48.23 32.24
N GLU D 80 -14.16 47.47 32.86
CA GLU D 80 -13.77 47.69 34.24
C GLU D 80 -12.29 48.06 34.32
N THR D 81 -11.85 48.42 35.53
CA THR D 81 -10.47 48.80 35.74
C THR D 81 -9.51 47.63 35.55
N GLU D 82 -10.02 46.40 35.57
CA GLU D 82 -9.19 45.22 35.35
C GLU D 82 -9.01 44.87 33.87
N ASP D 83 -9.93 45.30 33.01
CA ASP D 83 -9.94 44.89 31.61
C ASP D 83 -9.01 45.71 30.72
N PHE D 84 -8.19 46.58 31.29
CA PHE D 84 -7.31 47.42 30.48
C PHE D 84 -6.04 46.67 30.13
N GLY D 85 -5.84 46.42 28.84
CA GLY D 85 -4.67 45.70 28.38
C GLY D 85 -4.79 45.38 26.91
N MET D 86 -3.81 44.62 26.42
CA MET D 86 -3.79 44.23 25.02
C MET D 86 -4.74 43.06 24.78
N TYR D 87 -5.27 42.99 23.56
CA TYR D 87 -6.18 41.94 23.16
C TYR D 87 -5.75 41.36 21.82
N PHE D 88 -5.97 40.06 21.64
CA PHE D 88 -5.57 39.37 20.43
C PHE D 88 -6.70 38.44 19.97
N CYS D 89 -6.70 38.15 18.68
CA CYS D 89 -7.53 37.11 18.10
C CYS D 89 -6.64 36.08 17.42
N GLN D 90 -6.93 34.80 17.63
CA GLN D 90 -6.13 33.72 17.10
C GLN D 90 -6.92 32.96 16.04
N GLN D 91 -6.26 32.65 14.93
CA GLN D 91 -6.85 31.86 13.86
C GLN D 91 -6.43 30.40 14.02
N SER D 92 -7.39 29.49 13.83
CA SER D 92 -7.13 28.07 14.07
C SER D 92 -7.81 27.15 13.07
N ASN D 93 -8.37 27.65 11.97
CA ASN D 93 -9.02 26.76 11.02
C ASN D 93 -8.01 25.89 10.29
N SER D 94 -6.92 26.50 9.81
CA SER D 94 -5.89 25.80 9.07
C SER D 94 -4.53 26.13 9.67
N TRP D 95 -3.49 25.56 9.08
CA TRP D 95 -2.12 25.74 9.53
C TRP D 95 -1.41 26.79 8.67
N PRO D 96 -0.55 27.63 9.29
CA PRO D 96 -0.27 27.61 10.72
C PRO D 96 -1.22 28.48 11.53
N ARG D 97 -1.19 28.36 12.85
CA ARG D 97 -1.97 29.24 13.71
C ARG D 97 -1.40 30.65 13.67
N THR D 98 -2.26 31.64 13.46
CA THR D 98 -1.84 33.02 13.34
C THR D 98 -2.65 33.90 14.29
N PHE D 99 -1.99 34.93 14.82
CA PHE D 99 -2.60 35.86 15.75
C PHE D 99 -2.81 37.21 15.08
N GLY D 100 -3.58 38.06 15.76
CA GLY D 100 -3.81 39.41 15.29
C GLY D 100 -2.69 40.35 15.69
N ALA D 101 -2.79 41.58 15.19
CA ALA D 101 -1.77 42.59 15.49
C ALA D 101 -1.86 43.10 16.91
N GLY D 102 -3.01 42.96 17.56
CA GLY D 102 -3.16 43.44 18.92
C GLY D 102 -3.90 44.75 19.02
N THR D 103 -4.91 44.80 19.90
CA THR D 103 -5.69 46.00 20.16
C THR D 103 -5.42 46.42 21.61
N LYS D 104 -4.79 47.58 21.78
CA LYS D 104 -4.48 48.09 23.11
C LYS D 104 -5.67 48.88 23.64
N LEU D 105 -6.15 48.49 24.82
CA LEU D 105 -7.28 49.15 25.48
C LEU D 105 -6.70 50.01 26.60
N GLU D 106 -6.36 51.25 26.26
CA GLU D 106 -5.74 52.17 27.20
C GLU D 106 -6.78 53.08 27.84
N LEU D 107 -6.35 53.77 28.89
CA LEU D 107 -7.26 54.59 29.70
C LEU D 107 -7.44 55.96 29.08
N LYS D 108 -8.68 56.41 28.97
CA LYS D 108 -8.97 57.72 28.38
C LYS D 108 -8.98 58.80 29.44
C1 NAG E . -10.24 -14.09 23.84
C2 NAG E . -10.93 -15.32 23.26
C3 NAG E . -11.60 -14.95 21.94
C4 NAG E . -12.51 -13.74 22.11
C5 NAG E . -11.78 -12.59 22.81
C6 NAG E . -12.69 -11.45 23.18
C7 NAG E . -9.91 -17.44 23.93
C8 NAG E . -8.89 -18.48 23.59
N2 NAG E . -9.99 -16.41 23.08
O3 NAG E . -12.35 -16.08 21.49
O4 NAG E . -12.91 -13.24 20.82
O5 NAG E . -11.19 -13.05 24.03
O6 NAG E . -13.21 -10.81 22.01
O7 NAG E . -10.60 -17.52 24.93
C1 NAG E . -14.09 -13.87 20.29
C2 NAG E . -15.31 -12.95 20.43
C3 NAG E . -16.53 -13.57 19.76
C4 NAG E . -16.20 -13.92 18.31
C5 NAG E . -14.98 -14.82 18.26
C6 NAG E . -14.53 -15.12 16.85
C7 NAG E . -16.24 -11.58 22.25
C8 NAG E . -16.45 -11.46 23.73
N2 NAG E . -15.59 -12.67 21.83
O3 NAG E . -17.62 -12.65 19.80
O4 NAG E . -17.30 -14.60 17.72
O5 NAG E . -13.87 -14.16 18.90
O6 NAG E . -14.10 -13.94 16.17
O7 NAG E . -16.63 -10.73 21.47
C1 NAG F . -10.42 -6.22 -47.97
C2 NAG F . -10.70 -6.53 -49.43
C3 NAG F . -11.71 -5.54 -50.01
C4 NAG F . -12.95 -5.42 -49.11
C5 NAG F . -12.53 -5.19 -47.66
C6 NAG F . -13.69 -5.20 -46.70
C7 NAG F . -8.60 -7.51 -50.28
C8 NAG F . -7.39 -7.27 -51.11
N2 NAG F . -9.46 -6.49 -50.20
O3 NAG F . -12.10 -5.96 -51.32
O4 NAG F . -13.74 -4.32 -49.52
O5 NAG F . -11.64 -6.23 -47.25
O6 NAG F . -13.24 -5.03 -45.36
O7 NAG F . -8.81 -8.58 -49.71
C1 NAG F . -14.99 -4.84 -50.00
C2 NAG F . -16.02 -3.71 -50.05
C3 NAG F . -17.33 -4.21 -50.65
C4 NAG F . -17.08 -4.89 -51.99
C5 NAG F . -16.01 -5.97 -51.84
C6 NAG F . -15.64 -6.63 -53.14
C7 NAG F . -15.76 -1.97 -48.34
C8 NAG F . -16.10 -1.55 -46.94
N2 NAG F . -16.24 -3.15 -48.73
O3 NAG F . -18.23 -3.12 -50.80
O4 NAG F . -18.27 -5.42 -52.55
O5 NAG F . -14.82 -5.39 -51.30
O6 NAG F . -14.62 -5.91 -53.82
O7 NAG F . -15.09 -1.26 -49.09
C1 MAN F . -19.04 -6.26 -51.67
C2 MAN F . -18.95 -7.70 -52.17
C3 MAN F . -19.51 -7.73 -53.58
C4 MAN F . -20.99 -7.32 -53.54
C5 MAN F . -21.10 -5.89 -52.92
C6 MAN F . -22.51 -5.43 -52.67
O2 MAN F . -19.77 -8.59 -51.41
O3 MAN F . -19.34 -9.01 -54.18
O4 MAN F . -21.55 -7.35 -54.87
O5 MAN F . -20.38 -5.83 -51.65
O6 MAN F . -23.17 -6.42 -51.89
C1 MAN F . -22.78 -8.13 -54.87
C2 MAN F . -22.44 -9.62 -54.54
C3 MAN F . -21.79 -10.31 -55.73
C4 MAN F . -22.63 -10.14 -56.98
C5 MAN F . -22.85 -8.65 -57.28
C6 MAN F . -23.78 -8.43 -58.44
O2 MAN F . -23.62 -10.37 -54.26
O3 MAN F . -21.55 -11.69 -55.48
O4 MAN F . -21.98 -10.74 -58.10
O5 MAN F . -23.46 -8.01 -56.12
O6 MAN F . -24.52 -7.24 -58.19
C1 NAG G . -1.25 -51.66 -4.25
C2 NAG G . -2.76 -51.50 -4.04
C3 NAG G . -3.04 -50.87 -2.69
C4 NAG G . -2.33 -51.62 -1.57
C5 NAG G . -0.85 -51.79 -1.89
C6 NAG G . -0.12 -52.67 -0.90
C7 NAG G . -4.63 -50.79 -5.46
C8 NAG G . -5.07 -49.89 -6.58
N2 NAG G . -3.34 -50.71 -5.11
O3 NAG G . -4.44 -50.86 -2.45
O4 NAG G . -2.45 -50.88 -0.36
O5 NAG G . -0.70 -52.41 -3.17
O6 NAG G . 0.75 -53.59 -1.55
O7 NAG G . -5.41 -51.55 -4.89
C1 NAG G . -3.16 -51.63 0.65
C2 NAG G . -2.79 -51.02 2.01
C3 NAG G . -3.55 -51.73 3.12
C4 NAG G . -5.05 -51.74 2.84
C5 NAG G . -5.32 -52.32 1.46
C6 NAG G . -6.77 -52.24 1.06
C7 NAG G . -0.53 -50.07 1.95
C8 NAG G . 0.92 -50.29 2.25
N2 NAG G . -1.36 -51.07 2.24
O3 NAG G . -3.29 -51.09 4.36
O4 NAG G . -5.73 -52.52 3.81
O5 NAG G . -4.57 -51.58 0.46
O6 NAG G . -7.10 -53.24 0.11
O7 NAG G . -0.94 -49.02 1.47
S SO4 H . -2.26 -6.33 10.90
O1 SO4 H . -3.13 -6.96 11.89
O2 SO4 H . -1.66 -7.36 10.06
O3 SO4 H . -3.06 -5.43 10.07
O4 SO4 H . -1.21 -5.59 11.58
S SO4 I . 1.36 -78.08 -19.35
O1 SO4 I . 1.23 -78.67 -20.67
O2 SO4 I . 1.62 -79.12 -18.37
O3 SO4 I . 0.11 -77.39 -19.00
O4 SO4 I . 2.46 -77.11 -19.34
C1 MLT J . -10.60 9.85 29.92
O1 MLT J . -10.78 8.71 30.41
O2 MLT J . -11.53 10.68 29.92
C2 MLT J . -9.28 10.22 29.31
O3 MLT J . -9.47 11.04 28.19
C3 MLT J . -8.53 8.95 28.90
C4 MLT J . -7.33 8.75 29.79
O4 MLT J . -7.35 7.88 30.69
O5 MLT J . -6.30 9.44 29.63
C1 NAG K . 8.86 5.49 36.54
C2 NAG K . 9.12 6.82 35.82
C3 NAG K . 10.38 7.48 36.37
C4 NAG K . 10.29 7.62 37.88
C5 NAG K . 9.97 6.27 38.52
C6 NAG K . 9.74 6.36 40.01
C7 NAG K . 10.15 5.88 33.76
C8 NAG K . 10.06 5.83 32.27
N2 NAG K . 9.22 6.64 34.37
O3 NAG K . 10.55 8.76 35.77
O4 NAG K . 11.52 8.12 38.41
O5 NAG K . 8.77 5.73 37.95
O6 NAG K . 9.90 5.10 40.65
O7 NAG K . 11.01 5.27 34.38
C1 NAG L . -10.80 8.17 -25.85
C2 NAG L . -9.47 7.91 -25.18
C3 NAG L . -9.54 6.55 -24.45
C4 NAG L . -10.73 6.51 -23.51
C5 NAG L . -12.02 6.97 -24.19
C6 NAG L . -13.15 7.21 -23.22
C7 NAG L . -7.12 8.23 -25.78
C8 NAG L . -6.10 8.20 -26.88
N2 NAG L . -8.37 7.92 -26.13
O3 NAG L . -8.34 6.33 -23.72
O4 NAG L . -10.93 5.18 -23.06
O5 NAG L . -11.83 8.21 -24.88
O6 NAG L . -12.93 8.38 -22.45
O7 NAG L . -6.81 8.51 -24.62
C1 NAG M . -4.28 -78.83 6.13
C2 NAG M . -3.84 -79.65 7.36
C3 NAG M . -4.85 -80.77 7.65
C4 NAG M . -6.25 -80.20 7.77
C5 NAG M . -6.60 -79.39 6.52
C6 NAG M . -7.95 -78.71 6.60
C7 NAG M . -2.15 -81.06 6.23
C8 NAG M . -0.72 -81.50 6.23
N2 NAG M . -2.51 -80.20 7.19
O3 NAG M . -4.49 -81.42 8.86
O4 NAG M . -7.19 -81.26 7.92
O5 NAG M . -5.62 -78.36 6.34
O6 NAG M . -7.92 -77.63 7.52
O7 NAG M . -2.95 -81.48 5.40
#